data_8Y2K
#
_entry.id   8Y2K
#
_cell.length_a   47.748
_cell.length_b   137.496
_cell.length_c   73.723
_cell.angle_alpha   90.00
_cell.angle_beta   93.96
_cell.angle_gamma   90.00
#
_symmetry.space_group_name_H-M   'P 1 21 1'
#
loop_
_entity.id
_entity.type
_entity.pdbx_description
1 polymer QX006N-Fab-LC
2 polymer QX006N-Fab-HC
#
loop_
_entity_poly.entity_id
_entity_poly.type
_entity_poly.pdbx_seq_one_letter_code
_entity_poly.pdbx_strand_id
1 'polypeptide(L)'
;AIQMTQSPSSLSASVGDRVTITCQASQSISNQLSWYQQKPGKAPKLLIYDASSLASGVPSRFSGSRSGTKFTLTISSLQP
EDFATYYCLGIYGDGADDGIAFGGGTKVEIKRTVAAPSVFIFPPSDEQLKSGTASVVCLLNNFYPREAKVQWKVDNALQS
GNSQESVTEQDSKDSTYSLSSTLTLSKADYEKHKVYACEVTQGTTSVTKSFNRGEC
;
A,C
2 'polypeptide(L)'
;EVQLVESGGGLVQPGGSLRLSCAASGFSLSSYYMTWVRQAPGKGLEWVSVINVYGGTYYASWAKGRFTISRDNSKNTLYL
QMNSLRAEDTAVYYCAREDVAVYMAIDLWGQGTLVTVSSASTKGPSVFPLAPSSKSTSGGTAALGCLVKDYFPEPVTVSW
NSGALTSGVHTFPAVLQSSGLYSLSSVVTVPSSSLGTQTYICNVNHKPSNTKVDKKVEPKSCGGHHHHHH
;
B,D
#
# COMPACT_ATOMS: atom_id res chain seq x y z
N ALA A 1 28.63 -2.27 -13.10
CA ALA A 1 27.52 -1.81 -12.27
C ALA A 1 26.37 -1.32 -13.16
N ILE A 2 25.55 -2.25 -13.64
CA ILE A 2 24.44 -1.95 -14.53
C ILE A 2 23.15 -2.49 -13.94
N GLN A 3 22.05 -1.77 -14.15
CA GLN A 3 20.74 -2.10 -13.59
C GLN A 3 19.69 -2.09 -14.68
N MET A 4 18.75 -3.03 -14.62
CA MET A 4 17.65 -3.12 -15.56
C MET A 4 16.37 -2.73 -14.85
N THR A 5 15.75 -1.64 -15.28
CA THR A 5 14.50 -1.16 -14.71
C THR A 5 13.36 -1.64 -15.60
N GLN A 6 12.57 -2.58 -15.10
CA GLN A 6 11.47 -3.15 -15.85
C GLN A 6 10.15 -2.52 -15.43
N SER A 7 9.22 -2.38 -16.39
CA SER A 7 7.94 -1.76 -16.11
C SER A 7 6.88 -2.28 -17.07
N PRO A 8 5.66 -2.54 -16.58
CA PRO A 8 5.27 -2.47 -15.17
C PRO A 8 5.50 -3.78 -14.42
N SER A 9 5.24 -3.78 -13.11
CA SER A 9 5.42 -4.98 -12.31
C SER A 9 4.39 -6.04 -12.65
N SER A 10 3.19 -5.63 -13.05
CA SER A 10 2.13 -6.58 -13.39
C SER A 10 1.09 -5.84 -14.23
N LEU A 11 0.28 -6.61 -14.95
CA LEU A 11 -0.77 -6.02 -15.75
C LEU A 11 -1.80 -7.08 -16.11
N SER A 12 -3.05 -6.64 -16.24
CA SER A 12 -4.17 -7.49 -16.62
C SER A 12 -4.66 -7.08 -18.00
N ALA A 13 -5.05 -8.07 -18.80
CA ALA A 13 -5.57 -7.82 -20.13
C ALA A 13 -6.49 -8.97 -20.53
N SER A 14 -7.28 -8.73 -21.56
CA SER A 14 -8.20 -9.73 -22.09
C SER A 14 -7.57 -10.42 -23.29
N VAL A 15 -8.16 -11.55 -23.67
CA VAL A 15 -7.66 -12.32 -24.79
C VAL A 15 -7.82 -11.49 -26.07
N GLY A 16 -6.70 -11.16 -26.71
CA GLY A 16 -6.71 -10.36 -27.91
C GLY A 16 -6.12 -8.98 -27.73
N ASP A 17 -5.92 -8.52 -26.50
CA ASP A 17 -5.33 -7.21 -26.28
C ASP A 17 -3.85 -7.19 -26.65
N ARG A 18 -3.33 -5.99 -26.87
CA ARG A 18 -1.92 -5.75 -27.16
C ARG A 18 -1.26 -5.24 -25.89
N VAL A 19 -0.25 -5.96 -25.38
CA VAL A 19 0.40 -5.58 -24.14
C VAL A 19 1.87 -5.30 -24.40
N THR A 20 2.43 -4.41 -23.58
CA THR A 20 3.78 -3.88 -23.75
C THR A 20 4.53 -3.93 -22.43
N ILE A 21 5.77 -4.44 -22.46
CA ILE A 21 6.67 -4.44 -21.33
C ILE A 21 7.91 -3.64 -21.73
N THR A 22 8.40 -2.79 -20.84
CA THR A 22 9.55 -1.95 -21.14
C THR A 22 10.68 -2.25 -20.17
N CYS A 23 11.90 -2.13 -20.69
CA CYS A 23 13.13 -2.39 -19.95
C CYS A 23 14.10 -1.26 -20.24
N GLN A 24 14.56 -0.58 -19.19
CA GLN A 24 15.48 0.53 -19.30
C GLN A 24 16.85 0.12 -18.76
N ALA A 25 17.89 0.38 -19.53
CA ALA A 25 19.26 0.04 -19.16
C ALA A 25 19.96 1.25 -18.54
N SER A 26 20.85 0.98 -17.59
CA SER A 26 21.60 2.05 -16.93
C SER A 26 22.58 2.70 -17.89
N GLN A 27 23.35 1.90 -18.61
CA GLN A 27 24.28 2.34 -19.64
C GLN A 27 23.75 1.83 -20.99
N SER A 28 24.65 1.63 -21.95
CA SER A 28 24.29 1.12 -23.26
C SER A 28 24.84 -0.30 -23.42
N ILE A 29 23.93 -1.24 -23.65
CA ILE A 29 24.27 -2.64 -23.84
C ILE A 29 24.30 -3.01 -25.31
N SER A 30 24.18 -2.02 -26.21
CA SER A 30 24.11 -2.23 -27.65
C SER A 30 22.88 -3.10 -27.87
N ASN A 31 23.05 -4.31 -28.38
CA ASN A 31 21.93 -5.18 -28.69
C ASN A 31 21.82 -6.37 -27.75
N GLN A 32 22.76 -6.53 -26.82
CA GLN A 32 22.82 -7.72 -25.97
C GLN A 32 21.73 -7.64 -24.89
N LEU A 33 20.49 -7.80 -25.35
CA LEU A 33 19.34 -7.89 -24.45
C LEU A 33 18.42 -9.01 -24.92
N SER A 34 17.94 -9.81 -23.98
CA SER A 34 17.06 -10.93 -24.30
C SER A 34 15.84 -10.92 -23.39
N TRP A 35 14.74 -11.44 -23.93
CA TRP A 35 13.46 -11.54 -23.24
C TRP A 35 13.11 -12.99 -22.98
N TYR A 36 12.68 -13.28 -21.77
CA TYR A 36 12.35 -14.63 -21.31
C TYR A 36 10.97 -14.65 -20.68
N GLN A 37 10.34 -15.83 -20.73
CA GLN A 37 9.04 -16.09 -20.16
C GLN A 37 9.14 -17.23 -19.16
N GLN A 38 8.52 -17.07 -17.98
CA GLN A 38 8.59 -18.10 -16.94
C GLN A 38 7.18 -18.39 -16.42
N LYS A 39 6.81 -19.65 -16.44
CA LYS A 39 5.55 -20.14 -15.92
C LYS A 39 5.76 -20.77 -14.55
N PRO A 40 4.71 -20.85 -13.71
CA PRO A 40 4.90 -21.32 -12.34
C PRO A 40 5.54 -22.70 -12.27
N GLY A 41 6.50 -22.84 -11.36
CA GLY A 41 7.21 -24.09 -11.17
C GLY A 41 8.19 -24.44 -12.26
N LYS A 42 8.27 -23.66 -13.32
CA LYS A 42 9.11 -23.95 -14.46
C LYS A 42 10.28 -22.97 -14.54
N ALA A 43 11.31 -23.35 -15.28
CA ALA A 43 12.42 -22.47 -15.56
C ALA A 43 12.10 -21.58 -16.75
N PRO A 44 12.70 -20.39 -16.83
CA PRO A 44 12.37 -19.47 -17.93
C PRO A 44 12.73 -20.05 -19.29
N LYS A 45 12.02 -19.59 -20.31
CA LYS A 45 12.26 -20.00 -21.68
C LYS A 45 12.63 -18.77 -22.50
N LEU A 46 13.67 -18.91 -23.32
CA LEU A 46 14.15 -17.80 -24.12
C LEU A 46 13.13 -17.46 -25.20
N LEU A 47 12.61 -16.23 -25.16
CA LEU A 47 11.67 -15.74 -26.15
C LEU A 47 12.36 -14.96 -27.26
N ILE A 48 13.21 -13.99 -26.89
CA ILE A 48 13.81 -13.10 -27.87
C ILE A 48 15.26 -12.86 -27.49
N TYR A 49 16.15 -12.86 -28.48
CA TYR A 49 17.54 -12.53 -28.26
C TYR A 49 17.95 -11.39 -29.19
N ASP A 50 19.07 -10.76 -28.86
CA ASP A 50 19.61 -9.64 -29.64
C ASP A 50 18.52 -8.60 -29.94
N ALA A 51 17.76 -8.27 -28.90
CA ALA A 51 16.72 -7.23 -28.94
C ALA A 51 15.49 -7.59 -29.78
N SER A 52 15.67 -7.98 -31.06
CA SER A 52 14.53 -8.11 -31.95
C SER A 52 14.53 -9.40 -32.76
N SER A 53 15.28 -10.43 -32.32
CA SER A 53 15.34 -11.70 -33.04
C SER A 53 14.48 -12.74 -32.33
N LEU A 54 13.67 -13.45 -33.11
CA LEU A 54 12.82 -14.50 -32.57
C LEU A 54 13.60 -15.79 -32.33
N ALA A 55 13.17 -16.53 -31.31
CA ALA A 55 13.78 -17.81 -31.01
C ALA A 55 13.13 -18.89 -31.86
N SER A 56 13.54 -20.14 -31.63
CA SER A 56 13.00 -21.28 -32.35
C SER A 56 11.77 -21.81 -31.61
N GLY A 57 10.61 -21.75 -32.25
CA GLY A 57 9.40 -22.28 -31.67
C GLY A 57 8.61 -21.29 -30.84
N VAL A 58 8.81 -20.00 -31.04
CA VAL A 58 8.09 -18.95 -30.33
C VAL A 58 7.12 -18.30 -31.31
N PRO A 59 5.84 -18.18 -30.99
CA PRO A 59 4.88 -17.64 -31.95
C PRO A 59 5.21 -16.19 -32.32
N SER A 60 4.72 -15.78 -33.50
CA SER A 60 5.07 -14.48 -34.03
C SER A 60 4.42 -13.32 -33.27
N ARG A 61 3.45 -13.59 -32.40
CA ARG A 61 2.79 -12.53 -31.65
C ARG A 61 3.66 -11.98 -30.53
N PHE A 62 4.84 -12.54 -30.32
CA PHE A 62 5.85 -11.96 -29.45
C PHE A 62 6.84 -11.19 -30.31
N SER A 63 7.07 -9.92 -29.97
CA SER A 63 7.98 -9.07 -30.74
C SER A 63 8.85 -8.26 -29.80
N GLY A 64 10.06 -7.95 -30.26
CA GLY A 64 10.98 -7.13 -29.48
C GLY A 64 11.50 -5.98 -30.31
N SER A 65 11.71 -4.83 -29.65
CA SER A 65 12.14 -3.61 -30.31
C SER A 65 13.13 -2.84 -29.43
N ARG A 66 14.02 -2.09 -30.08
CA ARG A 66 15.04 -1.31 -29.40
C ARG A 66 14.97 0.15 -29.80
N SER A 67 15.17 1.04 -28.83
CA SER A 67 15.28 2.47 -29.07
C SER A 67 16.34 2.97 -28.08
N GLY A 68 17.59 3.05 -28.54
CA GLY A 68 18.68 3.43 -27.68
C GLY A 68 18.87 2.47 -26.52
N THR A 69 18.49 2.90 -25.32
CA THR A 69 18.59 2.07 -24.13
C THR A 69 17.24 1.53 -23.67
N LYS A 70 16.16 1.85 -24.38
CA LYS A 70 14.83 1.38 -24.01
C LYS A 70 14.45 0.20 -24.89
N PHE A 71 14.17 -0.94 -24.28
CA PHE A 71 13.78 -2.14 -24.99
C PHE A 71 12.32 -2.47 -24.69
N THR A 72 11.60 -2.95 -25.70
CA THR A 72 10.16 -3.16 -25.59
C THR A 72 9.80 -4.55 -26.08
N LEU A 73 9.11 -5.31 -25.23
CA LEU A 73 8.54 -6.60 -25.60
C LEU A 73 7.04 -6.43 -25.74
N THR A 74 6.50 -6.82 -26.89
CA THR A 74 5.09 -6.65 -27.20
C THR A 74 4.43 -7.98 -27.50
N ILE A 75 3.34 -8.26 -26.81
CA ILE A 75 2.46 -9.37 -27.14
C ILE A 75 1.27 -8.77 -27.89
N SER A 76 1.17 -9.07 -29.18
CA SER A 76 0.20 -8.39 -30.02
C SER A 76 -1.22 -8.87 -29.73
N SER A 77 -1.41 -10.20 -29.67
CA SER A 77 -2.71 -10.79 -29.35
C SER A 77 -2.53 -11.70 -28.14
N LEU A 78 -2.92 -11.22 -26.96
CA LEU A 78 -2.73 -12.00 -25.74
C LEU A 78 -3.58 -13.27 -25.79
N GLN A 79 -2.96 -14.41 -25.50
CA GLN A 79 -3.64 -15.70 -25.49
C GLN A 79 -3.70 -16.25 -24.07
N PRO A 80 -4.67 -17.13 -23.78
CA PRO A 80 -4.78 -17.65 -22.41
C PRO A 80 -3.55 -18.39 -21.92
N GLU A 81 -2.60 -18.74 -22.79
CA GLU A 81 -1.42 -19.48 -22.40
C GLU A 81 -0.21 -18.58 -22.17
N ASP A 82 -0.41 -17.26 -22.21
CA ASP A 82 0.68 -16.32 -21.99
C ASP A 82 0.79 -15.89 -20.53
N PHE A 83 -0.10 -16.37 -19.68
CA PHE A 83 -0.03 -16.10 -18.25
C PHE A 83 1.30 -16.60 -17.71
N ALA A 84 2.16 -15.68 -17.30
CA ALA A 84 3.52 -15.99 -16.88
C ALA A 84 4.12 -14.72 -16.26
N THR A 85 5.42 -14.77 -15.99
CA THR A 85 6.19 -13.60 -15.61
C THR A 85 7.30 -13.43 -16.63
N TYR A 86 7.45 -12.22 -17.14
CA TYR A 86 8.37 -11.94 -18.23
C TYR A 86 9.54 -11.12 -17.69
N TYR A 87 10.75 -11.48 -18.15
CA TYR A 87 11.98 -10.86 -17.68
C TYR A 87 12.83 -10.42 -18.86
N CYS A 88 13.58 -9.34 -18.66
CA CYS A 88 14.63 -8.93 -19.58
C CYS A 88 15.98 -9.23 -18.94
N LEU A 89 16.95 -9.53 -19.79
CA LEU A 89 18.32 -9.79 -19.37
C LEU A 89 19.25 -8.97 -20.25
N GLY A 90 20.04 -8.10 -19.62
CA GLY A 90 20.99 -7.28 -20.35
C GLY A 90 22.40 -7.60 -19.88
N ILE A 91 23.34 -7.67 -20.82
CA ILE A 91 24.72 -8.02 -20.51
C ILE A 91 25.64 -6.96 -21.09
N TYR A 92 26.32 -6.21 -20.22
CA TYR A 92 27.33 -5.25 -20.66
C TYR A 92 28.59 -6.02 -20.98
N GLY A 93 28.80 -6.34 -22.25
CA GLY A 93 30.05 -6.96 -22.64
C GLY A 93 30.21 -8.38 -22.14
N ASP A 94 30.99 -8.56 -21.06
CA ASP A 94 31.27 -9.89 -20.53
C ASP A 94 30.63 -10.16 -19.18
N GLY A 95 29.93 -9.19 -18.59
CA GLY A 95 29.29 -9.39 -17.31
C GLY A 95 30.08 -8.92 -16.10
N ALA A 96 31.36 -8.60 -16.29
CA ALA A 96 32.20 -8.10 -15.21
C ALA A 96 31.63 -6.83 -14.60
N ASP A 97 31.95 -6.61 -13.32
CA ASP A 97 31.40 -5.50 -12.53
C ASP A 97 29.87 -5.52 -12.54
N ASP A 98 29.32 -6.71 -12.28
CA ASP A 98 27.88 -6.94 -12.34
C ASP A 98 27.28 -6.45 -13.65
N GLY A 99 27.86 -6.96 -14.75
CA GLY A 99 27.42 -6.60 -16.08
C GLY A 99 26.22 -7.38 -16.57
N ILE A 100 25.86 -8.46 -15.88
CA ILE A 100 24.68 -9.25 -16.19
C ILE A 100 23.57 -8.82 -15.26
N ALA A 101 22.49 -8.28 -15.82
CA ALA A 101 21.42 -7.70 -15.02
C ALA A 101 20.08 -8.20 -15.51
N PHE A 102 19.28 -8.72 -14.59
CA PHE A 102 17.92 -9.12 -14.88
C PHE A 102 16.97 -7.97 -14.55
N GLY A 103 15.84 -7.96 -15.25
CA GLY A 103 14.79 -7.01 -14.93
C GLY A 103 14.00 -7.45 -13.72
N GLY A 104 13.15 -6.55 -13.23
CA GLY A 104 12.35 -6.84 -12.05
C GLY A 104 11.28 -7.87 -12.27
N GLY A 105 10.84 -8.05 -13.51
CA GLY A 105 9.81 -9.01 -13.87
C GLY A 105 8.44 -8.38 -13.99
N THR A 106 7.61 -8.93 -14.88
CA THR A 106 6.24 -8.47 -15.08
C THR A 106 5.30 -9.66 -15.09
N LYS A 107 4.37 -9.70 -14.13
CA LYS A 107 3.39 -10.78 -14.03
C LYS A 107 2.16 -10.41 -14.86
N VAL A 108 1.82 -11.26 -15.82
CA VAL A 108 0.74 -10.96 -16.77
C VAL A 108 -0.47 -11.81 -16.42
N GLU A 109 -1.46 -11.21 -15.76
CA GLU A 109 -2.71 -11.93 -15.54
C GLU A 109 -3.60 -11.78 -16.78
N ILE A 110 -4.71 -12.55 -16.81
CA ILE A 110 -5.59 -12.57 -17.96
C ILE A 110 -7.02 -12.26 -17.54
N LYS A 111 -7.64 -11.28 -18.21
CA LYS A 111 -9.01 -10.88 -17.95
C LYS A 111 -9.96 -11.70 -18.82
N ARG A 112 -10.98 -12.29 -18.20
CA ARG A 112 -11.99 -13.08 -18.89
C ARG A 112 -13.34 -12.85 -18.21
N THR A 113 -14.36 -13.54 -18.72
CA THR A 113 -15.70 -13.39 -18.17
C THR A 113 -15.80 -14.12 -16.83
N VAL A 114 -16.73 -13.66 -16.01
CA VAL A 114 -16.96 -14.27 -14.70
C VAL A 114 -17.46 -15.70 -14.88
N ALA A 115 -16.91 -16.61 -14.09
CA ALA A 115 -17.31 -18.02 -14.08
C ALA A 115 -17.46 -18.46 -12.63
N ALA A 116 -18.55 -19.16 -12.34
CA ALA A 116 -18.82 -19.54 -10.96
C ALA A 116 -18.04 -20.79 -10.57
N PRO A 117 -17.59 -20.89 -9.32
CA PRO A 117 -16.87 -22.07 -8.88
C PRO A 117 -17.82 -23.22 -8.57
N SER A 118 -17.27 -24.43 -8.69
CA SER A 118 -17.89 -25.61 -8.09
C SER A 118 -17.33 -25.74 -6.68
N VAL A 119 -18.20 -25.78 -5.68
CA VAL A 119 -17.80 -25.71 -4.28
C VAL A 119 -18.00 -27.08 -3.65
N PHE A 120 -16.92 -27.65 -3.10
CA PHE A 120 -16.98 -28.89 -2.34
C PHE A 120 -16.51 -28.63 -0.92
N ILE A 121 -16.94 -29.48 0.02
CA ILE A 121 -16.49 -29.38 1.40
C ILE A 121 -16.11 -30.77 1.91
N PHE A 122 -14.94 -30.86 2.54
CA PHE A 122 -14.41 -32.10 3.09
C PHE A 122 -14.27 -31.94 4.59
N PRO A 123 -14.96 -32.76 5.39
CA PRO A 123 -14.74 -32.77 6.83
C PRO A 123 -13.36 -33.34 7.14
N PRO A 124 -12.86 -33.12 8.35
CA PRO A 124 -11.61 -33.77 8.75
C PRO A 124 -11.83 -35.27 8.93
N SER A 125 -10.82 -36.06 8.55
CA SER A 125 -10.91 -37.51 8.67
C SER A 125 -10.71 -37.95 10.13
N ASP A 126 -11.14 -39.19 10.41
CA ASP A 126 -10.93 -39.74 11.74
C ASP A 126 -9.44 -39.95 12.03
N GLU A 127 -8.68 -40.31 11.00
CA GLU A 127 -7.24 -40.46 11.15
C GLU A 127 -6.59 -39.17 11.63
N GLN A 128 -7.12 -38.02 11.20
CA GLN A 128 -6.61 -36.74 11.70
C GLN A 128 -7.17 -36.38 13.07
N LEU A 129 -8.41 -36.78 13.35
CA LEU A 129 -9.00 -36.50 14.66
C LEU A 129 -8.29 -37.27 15.78
N LYS A 130 -7.68 -38.42 15.46
CA LYS A 130 -6.95 -39.16 16.47
C LYS A 130 -5.79 -38.37 17.07
N SER A 131 -5.36 -37.30 16.41
CA SER A 131 -4.21 -36.51 16.85
C SER A 131 -4.62 -35.20 17.51
N GLY A 132 -5.91 -34.98 17.75
CA GLY A 132 -6.35 -33.80 18.46
C GLY A 132 -6.39 -32.53 17.63
N THR A 133 -6.49 -32.64 16.32
CA THR A 133 -6.61 -31.48 15.46
C THR A 133 -7.50 -31.85 14.27
N ALA A 134 -8.35 -30.91 13.86
CA ALA A 134 -9.30 -31.13 12.78
C ALA A 134 -9.18 -30.01 11.77
N SER A 135 -8.90 -30.36 10.52
CA SER A 135 -8.85 -29.41 9.42
C SER A 135 -9.99 -29.76 8.47
N VAL A 136 -10.94 -28.83 8.32
CA VAL A 136 -12.01 -28.98 7.34
C VAL A 136 -11.69 -28.09 6.16
N VAL A 137 -11.78 -28.63 4.96
CA VAL A 137 -11.28 -27.93 3.78
C VAL A 137 -12.43 -27.67 2.81
N CYS A 138 -12.52 -26.44 2.33
CA CYS A 138 -13.52 -25.98 1.36
C CYS A 138 -12.81 -25.72 0.05
N LEU A 139 -13.22 -26.41 -1.00
CA LEU A 139 -12.60 -26.32 -2.32
C LEU A 139 -13.49 -25.54 -3.27
N LEU A 140 -12.88 -24.62 -4.02
CA LEU A 140 -13.54 -23.82 -5.05
C LEU A 140 -12.82 -24.11 -6.36
N ASN A 141 -13.46 -24.84 -7.26
CA ASN A 141 -12.82 -25.30 -8.48
C ASN A 141 -13.31 -24.46 -9.65
N ASN A 142 -12.36 -23.99 -10.47
CA ASN A 142 -12.63 -23.40 -11.79
C ASN A 142 -13.57 -22.20 -11.70
N PHE A 143 -13.05 -21.12 -11.12
CA PHE A 143 -13.79 -19.87 -11.03
C PHE A 143 -12.95 -18.71 -11.54
N TYR A 144 -13.62 -17.57 -11.75
CA TYR A 144 -13.00 -16.33 -12.17
C TYR A 144 -13.95 -15.19 -11.79
N PRO A 145 -13.44 -14.04 -11.31
CA PRO A 145 -12.02 -13.71 -11.13
C PRO A 145 -11.44 -14.31 -9.86
N ARG A 146 -10.16 -14.02 -9.61
CA ARG A 146 -9.48 -14.55 -8.43
C ARG A 146 -10.16 -14.08 -7.16
N GLU A 147 -10.88 -12.97 -7.22
CA GLU A 147 -11.51 -12.42 -6.03
C GLU A 147 -12.70 -13.28 -5.65
N ALA A 148 -12.80 -13.61 -4.36
CA ALA A 148 -13.91 -14.43 -3.88
C ALA A 148 -13.96 -14.35 -2.36
N LYS A 149 -15.14 -14.11 -1.80
CA LYS A 149 -15.30 -13.93 -0.37
C LYS A 149 -15.72 -15.27 0.23
N VAL A 150 -14.77 -15.96 0.86
CA VAL A 150 -15.03 -17.28 1.43
C VAL A 150 -15.09 -17.13 2.94
N GLN A 151 -16.25 -17.42 3.51
CA GLN A 151 -16.46 -17.32 4.94
C GLN A 151 -16.87 -18.68 5.49
N TRP A 152 -16.62 -18.87 6.78
CA TRP A 152 -16.92 -20.12 7.46
C TRP A 152 -17.99 -19.88 8.52
N LYS A 153 -18.88 -20.86 8.67
CA LYS A 153 -19.91 -20.85 9.70
C LYS A 153 -19.90 -22.19 10.42
N VAL A 154 -20.01 -22.14 11.74
CA VAL A 154 -20.18 -23.33 12.57
C VAL A 154 -21.39 -23.11 13.45
N ASP A 155 -22.40 -23.98 13.30
CA ASP A 155 -23.72 -23.78 13.90
C ASP A 155 -24.25 -22.38 13.57
N ASN A 156 -24.08 -21.98 12.31
CA ASN A 156 -24.50 -20.68 11.79
C ASN A 156 -23.84 -19.52 12.53
N ALA A 157 -22.66 -19.76 13.09
CA ALA A 157 -21.87 -18.71 13.74
C ALA A 157 -20.64 -18.43 12.87
N LEU A 158 -20.48 -17.17 12.47
CA LEU A 158 -19.42 -16.80 11.53
C LEU A 158 -18.05 -16.86 12.20
N GLN A 159 -17.05 -17.31 11.44
CA GLN A 159 -15.69 -17.48 11.93
C GLN A 159 -14.74 -16.47 11.29
N SER A 160 -13.74 -16.05 12.05
CA SER A 160 -12.73 -15.12 11.56
C SER A 160 -11.41 -15.38 12.28
N GLY A 161 -10.32 -15.14 11.58
CA GLY A 161 -9.01 -15.41 12.16
C GLY A 161 -8.79 -16.87 12.49
N ASN A 162 -9.32 -17.77 11.66
CA ASN A 162 -9.37 -19.17 12.01
C ASN A 162 -9.09 -20.08 10.82
N SER A 163 -9.04 -19.56 9.61
CA SER A 163 -8.82 -20.34 8.41
C SER A 163 -7.67 -19.74 7.62
N GLN A 164 -7.19 -20.50 6.64
CA GLN A 164 -6.13 -20.06 5.74
C GLN A 164 -6.49 -20.43 4.32
N GLU A 165 -6.16 -19.54 3.38
CA GLU A 165 -6.56 -19.71 2.00
C GLU A 165 -5.35 -19.86 1.10
N SER A 166 -5.53 -20.60 0.00
CA SER A 166 -4.48 -20.83 -0.97
C SER A 166 -5.08 -20.85 -2.37
N VAL A 167 -4.43 -20.13 -3.29
CA VAL A 167 -4.91 -19.96 -4.65
C VAL A 167 -3.94 -20.62 -5.61
N THR A 168 -4.48 -21.31 -6.62
CA THR A 168 -3.63 -21.81 -7.67
C THR A 168 -3.26 -20.68 -8.62
N GLU A 169 -2.27 -20.92 -9.46
CA GLU A 169 -1.99 -19.98 -10.52
C GLU A 169 -3.10 -20.06 -11.57
N GLN A 170 -3.19 -19.02 -12.40
CA GLN A 170 -4.23 -18.95 -13.41
C GLN A 170 -4.09 -20.10 -14.41
N ASP A 171 -5.19 -20.82 -14.64
CA ASP A 171 -5.16 -21.96 -15.53
C ASP A 171 -4.68 -21.54 -16.91
N SER A 172 -3.85 -22.40 -17.52
CA SER A 172 -3.27 -22.10 -18.82
C SER A 172 -4.23 -22.31 -19.98
N LYS A 173 -5.41 -22.89 -19.73
CA LYS A 173 -6.39 -23.19 -20.78
C LYS A 173 -7.58 -22.24 -20.74
N ASP A 174 -8.34 -22.24 -19.64
CA ASP A 174 -9.54 -21.41 -19.53
C ASP A 174 -9.37 -20.22 -18.59
N SER A 175 -8.12 -19.88 -18.24
CA SER A 175 -7.81 -18.68 -17.45
C SER A 175 -8.56 -18.66 -16.13
N THR A 176 -8.72 -19.81 -15.50
CA THR A 176 -9.55 -19.94 -14.31
C THR A 176 -8.68 -20.21 -13.10
N TYR A 177 -9.31 -20.19 -11.92
CA TYR A 177 -8.61 -20.34 -10.65
C TYR A 177 -9.22 -21.45 -9.81
N SER A 178 -8.44 -21.90 -8.82
CA SER A 178 -8.93 -22.85 -7.83
C SER A 178 -8.42 -22.40 -6.47
N LEU A 179 -9.31 -22.42 -5.48
CA LEU A 179 -9.07 -21.87 -4.16
C LEU A 179 -9.36 -22.92 -3.10
N SER A 180 -8.54 -22.95 -2.05
CA SER A 180 -8.76 -23.86 -0.94
C SER A 180 -8.75 -23.06 0.35
N SER A 181 -9.76 -23.29 1.18
CA SER A 181 -9.87 -22.64 2.48
C SER A 181 -9.87 -23.72 3.54
N THR A 182 -8.87 -23.69 4.41
CA THR A 182 -8.70 -24.69 5.46
C THR A 182 -9.02 -24.06 6.80
N LEU A 183 -10.03 -24.62 7.48
CA LEU A 183 -10.43 -24.17 8.81
C LEU A 183 -9.92 -25.19 9.82
N THR A 184 -9.10 -24.71 10.76
CA THR A 184 -8.44 -25.58 11.73
C THR A 184 -9.04 -25.37 13.12
N LEU A 185 -9.28 -26.48 13.82
CA LEU A 185 -9.82 -26.46 15.17
C LEU A 185 -9.18 -27.58 15.98
N SER A 186 -9.34 -27.50 17.30
CA SER A 186 -8.98 -28.61 18.16
C SER A 186 -10.08 -29.68 18.11
N LYS A 187 -9.76 -30.88 18.57
CA LYS A 187 -10.76 -31.94 18.59
C LYS A 187 -11.95 -31.55 19.45
N ALA A 188 -11.70 -30.90 20.58
CA ALA A 188 -12.78 -30.49 21.47
C ALA A 188 -13.71 -29.49 20.79
N ASP A 189 -13.14 -28.47 20.14
CA ASP A 189 -13.96 -27.49 19.42
C ASP A 189 -14.75 -28.13 18.29
N TYR A 190 -14.22 -29.21 17.70
CA TYR A 190 -14.97 -29.90 16.66
C TYR A 190 -16.13 -30.70 17.25
N GLU A 191 -15.92 -31.35 18.39
CA GLU A 191 -17.00 -32.10 19.03
C GLU A 191 -18.05 -31.20 19.65
N LYS A 192 -17.73 -29.93 19.94
CA LYS A 192 -18.68 -29.04 20.60
C LYS A 192 -19.80 -28.56 19.68
N HIS A 193 -19.82 -28.95 18.40
CA HIS A 193 -20.79 -28.42 17.46
C HIS A 193 -21.25 -29.53 16.53
N LYS A 194 -22.10 -29.15 15.56
CA LYS A 194 -22.73 -30.12 14.67
C LYS A 194 -22.70 -29.68 13.21
N VAL A 195 -23.16 -28.46 12.92
CA VAL A 195 -23.33 -27.99 11.56
C VAL A 195 -22.14 -27.12 11.17
N TYR A 196 -21.46 -27.48 10.08
CA TYR A 196 -20.34 -26.74 9.55
C TYR A 196 -20.63 -26.36 8.10
N ALA A 197 -20.20 -25.17 7.69
CA ALA A 197 -20.53 -24.72 6.34
C ALA A 197 -19.51 -23.68 5.89
N CYS A 198 -19.29 -23.64 4.58
CA CYS A 198 -18.53 -22.55 3.97
C CYS A 198 -19.41 -21.88 2.93
N GLU A 199 -19.43 -20.56 2.97
CA GLU A 199 -20.21 -19.71 2.07
C GLU A 199 -19.24 -18.97 1.16
N VAL A 200 -19.42 -19.12 -0.14
CA VAL A 200 -18.62 -18.41 -1.13
C VAL A 200 -19.49 -17.33 -1.76
N THR A 201 -19.05 -16.08 -1.67
CA THR A 201 -19.72 -14.94 -2.26
C THR A 201 -18.90 -14.43 -3.43
N GLN A 202 -19.56 -14.24 -4.58
CA GLN A 202 -18.95 -13.80 -5.83
C GLN A 202 -19.93 -12.83 -6.51
N GLY A 203 -19.88 -11.57 -6.08
CA GLY A 203 -20.77 -10.57 -6.63
C GLY A 203 -22.16 -10.58 -6.03
N THR A 204 -23.18 -10.88 -6.84
CA THR A 204 -24.55 -10.93 -6.35
C THR A 204 -24.97 -12.34 -5.92
N THR A 205 -24.07 -13.32 -5.94
CA THR A 205 -24.40 -14.68 -5.57
C THR A 205 -23.56 -15.13 -4.39
N SER A 206 -24.16 -15.93 -3.51
CA SER A 206 -23.46 -16.41 -2.32
C SER A 206 -23.98 -17.82 -2.01
N VAL A 207 -23.23 -18.82 -2.43
CA VAL A 207 -23.64 -20.22 -2.29
C VAL A 207 -22.91 -20.85 -1.11
N THR A 208 -23.66 -21.56 -0.26
CA THR A 208 -23.14 -22.17 0.95
C THR A 208 -23.26 -23.68 0.85
N LYS A 209 -22.14 -24.36 1.05
CA LYS A 209 -22.12 -25.82 1.13
C LYS A 209 -21.83 -26.22 2.58
N SER A 210 -22.58 -27.19 3.07
CA SER A 210 -22.55 -27.52 4.49
C SER A 210 -22.53 -29.03 4.68
N PHE A 211 -22.33 -29.42 5.94
CA PHE A 211 -22.47 -30.80 6.39
C PHE A 211 -22.66 -30.78 7.89
N ASN A 212 -23.38 -31.76 8.41
CA ASN A 212 -23.57 -31.90 9.84
C ASN A 212 -22.84 -33.13 10.36
N ARG A 213 -22.23 -33.00 11.54
CA ARG A 213 -21.48 -34.10 12.11
C ARG A 213 -22.41 -35.29 12.37
N GLY A 214 -21.81 -36.48 12.37
CA GLY A 214 -22.58 -37.70 12.62
C GLY A 214 -23.46 -38.11 11.47
N GLU A 215 -24.54 -37.36 11.23
CA GLU A 215 -25.47 -37.70 10.16
C GLU A 215 -24.76 -37.58 8.81
N CYS A 216 -24.55 -38.72 8.15
CA CYS A 216 -23.82 -38.85 6.89
C CYS A 216 -22.43 -38.23 6.89
N GLU B 1 15.99 -33.66 -25.86
CA GLU B 1 17.19 -34.49 -25.98
C GLU B 1 18.41 -33.78 -25.43
N VAL B 2 18.27 -32.48 -25.20
CA VAL B 2 19.31 -31.66 -24.57
C VAL B 2 18.77 -31.19 -23.22
N GLN B 3 19.41 -31.64 -22.13
CA GLN B 3 18.88 -31.40 -20.80
C GLN B 3 20.00 -31.02 -19.82
N LEU B 4 19.61 -30.28 -18.79
CA LEU B 4 20.44 -29.99 -17.62
C LEU B 4 19.66 -30.38 -16.38
N VAL B 5 20.10 -31.42 -15.69
CA VAL B 5 19.40 -31.97 -14.53
C VAL B 5 20.18 -31.58 -13.28
N GLU B 6 19.53 -30.90 -12.36
CA GLU B 6 20.17 -30.39 -11.16
C GLU B 6 19.83 -31.29 -9.97
N SER B 7 20.83 -31.53 -9.14
CA SER B 7 20.68 -32.28 -7.91
C SER B 7 21.41 -31.56 -6.79
N GLY B 8 21.11 -31.97 -5.56
CA GLY B 8 21.57 -31.28 -4.38
C GLY B 8 20.57 -30.23 -3.95
N GLY B 9 20.76 -29.74 -2.72
CA GLY B 9 19.87 -28.72 -2.22
C GLY B 9 18.81 -29.25 -1.29
N GLY B 10 18.50 -28.46 -0.26
CA GLY B 10 17.56 -28.83 0.76
C GLY B 10 17.74 -27.90 1.94
N LEU B 11 17.63 -28.44 3.15
CA LEU B 11 17.77 -27.64 4.36
C LEU B 11 19.24 -27.56 4.75
N VAL B 12 19.70 -26.35 5.06
CA VAL B 12 21.08 -26.10 5.48
C VAL B 12 21.06 -25.07 6.61
N GLN B 13 21.84 -25.34 7.66
CA GLN B 13 21.87 -24.42 8.78
C GLN B 13 22.70 -23.18 8.43
N PRO B 14 22.37 -22.03 9.01
CA PRO B 14 23.14 -20.80 8.73
C PRO B 14 24.61 -20.99 9.06
N GLY B 15 25.46 -20.49 8.17
CA GLY B 15 26.88 -20.73 8.25
C GLY B 15 27.32 -22.07 7.70
N GLY B 16 26.38 -22.99 7.44
CA GLY B 16 26.72 -24.28 6.88
C GLY B 16 27.00 -24.23 5.39
N SER B 17 27.43 -25.38 4.86
CA SER B 17 27.80 -25.49 3.46
C SER B 17 26.88 -26.46 2.72
N LEU B 18 26.92 -26.38 1.39
CA LEU B 18 26.13 -27.23 0.53
C LEU B 18 26.79 -27.24 -0.84
N ARG B 19 26.50 -28.29 -1.61
CA ARG B 19 27.04 -28.40 -2.97
C ARG B 19 25.93 -28.83 -3.91
N LEU B 20 25.71 -28.02 -4.95
CA LEU B 20 24.75 -28.32 -6.00
C LEU B 20 25.48 -28.82 -7.24
N SER B 21 24.85 -29.75 -7.95
CA SER B 21 25.42 -30.28 -9.19
C SER B 21 24.39 -30.21 -10.31
N CYS B 22 24.91 -30.18 -11.53
CA CYS B 22 24.12 -29.99 -12.75
C CYS B 22 24.71 -30.88 -13.84
N ALA B 23 24.05 -32.01 -14.12
CA ALA B 23 24.51 -32.95 -15.13
C ALA B 23 23.91 -32.58 -16.47
N ALA B 24 24.75 -32.52 -17.51
CA ALA B 24 24.31 -32.20 -18.86
C ALA B 24 24.12 -33.48 -19.66
N SER B 25 23.14 -33.45 -20.55
CA SER B 25 22.83 -34.60 -21.41
C SER B 25 22.56 -34.08 -22.82
N GLY B 26 23.29 -34.59 -23.80
CA GLY B 26 23.13 -34.22 -25.19
C GLY B 26 24.23 -33.32 -25.73
N PHE B 27 25.08 -32.78 -24.86
CA PHE B 27 26.18 -31.92 -25.28
C PHE B 27 27.21 -31.91 -24.17
N SER B 28 28.37 -31.31 -24.46
CA SER B 28 29.44 -31.18 -23.49
C SER B 28 29.49 -29.73 -23.00
N LEU B 29 29.23 -29.54 -21.71
CA LEU B 29 29.27 -28.21 -21.12
C LEU B 29 30.64 -27.57 -21.20
N SER B 30 31.68 -28.35 -21.52
CA SER B 30 33.02 -27.82 -21.68
C SER B 30 33.16 -26.92 -22.90
N SER B 31 32.12 -26.84 -23.74
CA SER B 31 32.14 -26.03 -24.96
C SER B 31 31.29 -24.76 -24.82
N TYR B 32 30.76 -24.50 -23.64
CA TYR B 32 29.88 -23.36 -23.44
C TYR B 32 30.21 -22.68 -22.12
N TYR B 33 29.88 -21.39 -22.04
CA TYR B 33 29.79 -20.72 -20.76
C TYR B 33 28.65 -21.35 -19.96
N MET B 34 28.84 -21.48 -18.66
CA MET B 34 27.80 -22.03 -17.81
C MET B 34 27.52 -21.04 -16.68
N THR B 35 26.31 -21.12 -16.12
CA THR B 35 25.87 -20.10 -15.18
C THR B 35 24.99 -20.72 -14.11
N TRP B 36 25.10 -20.16 -12.91
CA TRP B 36 24.14 -20.41 -11.83
C TRP B 36 23.37 -19.12 -11.58
N VAL B 37 22.03 -19.23 -11.52
CA VAL B 37 21.12 -18.12 -11.33
C VAL B 37 20.10 -18.49 -10.27
N ARG B 38 19.92 -17.63 -9.26
CA ARG B 38 19.00 -17.95 -8.18
C ARG B 38 17.75 -17.09 -8.25
N GLN B 39 16.73 -17.52 -7.51
CA GLN B 39 15.47 -16.79 -7.40
C GLN B 39 14.91 -17.05 -6.00
N ALA B 40 14.84 -16.00 -5.19
CA ALA B 40 14.26 -16.15 -3.86
C ALA B 40 12.74 -16.31 -3.99
N PRO B 41 12.09 -16.88 -2.97
CA PRO B 41 10.64 -17.12 -3.07
C PRO B 41 9.84 -15.84 -3.34
N GLY B 42 9.03 -15.89 -4.39
CA GLY B 42 8.19 -14.75 -4.77
C GLY B 42 8.94 -13.52 -5.22
N LYS B 43 10.17 -13.69 -5.73
CA LYS B 43 10.96 -12.54 -6.17
C LYS B 43 11.54 -12.79 -7.55
N GLY B 44 12.41 -11.88 -8.03
CA GLY B 44 12.95 -11.96 -9.37
C GLY B 44 14.19 -12.84 -9.48
N LEU B 45 14.72 -12.89 -10.70
CA LEU B 45 15.92 -13.67 -10.99
C LEU B 45 17.18 -12.90 -10.65
N GLU B 46 18.11 -13.55 -9.96
CA GLU B 46 19.33 -12.92 -9.49
C GLU B 46 20.52 -13.74 -9.98
N TRP B 47 21.36 -13.12 -10.81
CA TRP B 47 22.56 -13.78 -11.33
C TRP B 47 23.53 -14.09 -10.20
N VAL B 48 24.04 -15.32 -10.17
CA VAL B 48 24.93 -15.79 -9.12
C VAL B 48 26.37 -15.95 -9.62
N SER B 49 26.58 -16.78 -10.64
CA SER B 49 27.96 -17.07 -11.01
C SER B 49 28.03 -17.52 -12.47
N VAL B 50 29.21 -17.36 -13.06
CA VAL B 50 29.47 -17.78 -14.43
C VAL B 50 30.83 -18.44 -14.49
N ILE B 51 30.92 -19.53 -15.25
CA ILE B 51 32.19 -20.18 -15.55
C ILE B 51 32.41 -20.14 -17.06
N ASN B 52 33.66 -19.86 -17.44
CA ASN B 52 34.07 -19.66 -18.81
C ASN B 52 34.34 -21.01 -19.48
N VAL B 53 34.60 -20.94 -20.79
CA VAL B 53 34.98 -22.15 -21.52
C VAL B 53 36.43 -22.52 -21.20
N TYR B 54 37.25 -21.54 -20.82
CA TYR B 54 38.61 -21.80 -20.38
C TYR B 54 38.70 -22.26 -18.92
N GLY B 55 37.65 -22.02 -18.14
CA GLY B 55 37.67 -22.26 -16.71
C GLY B 55 37.67 -20.99 -15.87
N GLY B 56 37.64 -19.82 -16.50
CA GLY B 56 37.61 -18.58 -15.73
C GLY B 56 36.27 -18.38 -15.04
N THR B 57 36.33 -17.97 -13.78
CA THR B 57 35.16 -17.86 -12.92
C THR B 57 34.85 -16.41 -12.60
N TYR B 58 33.61 -15.99 -12.87
CA TYR B 58 33.11 -14.68 -12.50
C TYR B 58 32.00 -14.85 -11.47
N TYR B 59 32.03 -14.04 -10.42
CA TYR B 59 31.05 -14.10 -9.34
C TYR B 59 30.39 -12.74 -9.19
N ALA B 60 29.45 -12.65 -8.26
CA ALA B 60 28.77 -11.40 -7.97
C ALA B 60 29.35 -10.77 -6.71
N SER B 61 28.97 -9.51 -6.47
CA SER B 61 29.53 -8.79 -5.33
C SER B 61 29.15 -9.46 -4.01
N TRP B 62 27.85 -9.75 -3.82
CA TRP B 62 27.38 -10.34 -2.57
C TRP B 62 27.89 -11.76 -2.37
N ALA B 63 28.29 -12.44 -3.45
CA ALA B 63 28.86 -13.77 -3.36
C ALA B 63 30.24 -13.80 -4.01
N LYS B 64 31.18 -13.05 -3.46
CA LYS B 64 32.56 -13.04 -3.91
C LYS B 64 33.38 -13.83 -2.92
N GLY B 65 34.12 -14.82 -3.41
CA GLY B 65 34.88 -15.71 -2.55
C GLY B 65 34.06 -16.58 -1.63
N ARG B 66 32.75 -16.37 -1.55
CA ARG B 66 31.87 -17.19 -0.70
C ARG B 66 31.39 -18.44 -1.43
N PHE B 67 31.09 -18.33 -2.73
CA PHE B 67 30.68 -19.45 -3.54
C PHE B 67 31.80 -19.81 -4.52
N THR B 68 31.71 -21.02 -5.06
CA THR B 68 32.71 -21.52 -6.01
C THR B 68 32.03 -22.34 -7.09
N ILE B 69 32.18 -21.91 -8.34
CA ILE B 69 31.63 -22.61 -9.50
C ILE B 69 32.74 -23.43 -10.15
N SER B 70 32.40 -24.62 -10.62
CA SER B 70 33.40 -25.50 -11.21
C SER B 70 32.72 -26.45 -12.19
N ARG B 71 33.53 -27.17 -12.95
CA ARG B 71 32.98 -28.16 -13.87
C ARG B 71 33.95 -29.34 -14.02
N ASP B 72 33.39 -30.54 -14.03
CA ASP B 72 34.14 -31.76 -14.30
C ASP B 72 33.86 -32.18 -15.74
N ASN B 73 34.91 -32.17 -16.56
CA ASN B 73 34.76 -32.50 -17.98
C ASN B 73 34.58 -33.99 -18.19
N SER B 74 35.21 -34.82 -17.38
CA SER B 74 35.02 -36.27 -17.50
C SER B 74 33.57 -36.64 -17.21
N LYS B 75 33.06 -36.21 -16.05
CA LYS B 75 31.67 -36.44 -15.69
C LYS B 75 30.72 -35.50 -16.42
N ASN B 76 31.21 -34.47 -17.09
CA ASN B 76 30.38 -33.51 -17.82
C ASN B 76 29.29 -32.95 -16.89
N THR B 77 29.75 -32.27 -15.83
CA THR B 77 28.85 -31.81 -14.79
C THR B 77 29.33 -30.47 -14.22
N LEU B 78 28.38 -29.56 -13.99
CA LEU B 78 28.66 -28.29 -13.35
C LEU B 78 28.40 -28.40 -11.85
N TYR B 79 29.13 -27.61 -11.06
CA TYR B 79 29.06 -27.66 -9.61
C TYR B 79 29.07 -26.25 -9.03
N LEU B 80 28.30 -26.06 -7.96
CA LEU B 80 28.31 -24.83 -7.17
C LEU B 80 28.45 -25.19 -5.70
N GLN B 81 29.59 -24.84 -5.10
CA GLN B 81 29.85 -25.05 -3.68
C GLN B 81 29.59 -23.75 -2.93
N MET B 82 28.73 -23.82 -1.91
CA MET B 82 28.30 -22.69 -1.10
C MET B 82 28.76 -22.93 0.33
N ASN B 83 29.45 -21.95 0.93
CA ASN B 83 30.08 -22.19 2.23
C ASN B 83 29.56 -21.32 3.36
N SER B 84 29.39 -20.03 3.14
CA SER B 84 28.94 -19.17 4.23
C SER B 84 27.52 -18.71 3.98
N LEU B 85 26.57 -19.64 3.98
CA LEU B 85 25.20 -19.34 3.64
C LEU B 85 24.50 -18.57 4.76
N ARG B 86 23.70 -17.59 4.35
CA ARG B 86 22.91 -16.75 5.24
C ARG B 86 21.43 -16.94 4.95
N ALA B 87 20.59 -16.32 5.79
CA ALA B 87 19.14 -16.43 5.62
C ALA B 87 18.68 -15.83 4.30
N GLU B 88 19.37 -14.80 3.80
CA GLU B 88 19.00 -14.23 2.52
C GLU B 88 19.49 -15.07 1.34
N ASP B 89 20.05 -16.25 1.58
CA ASP B 89 20.50 -17.14 0.51
C ASP B 89 19.48 -18.22 0.16
N THR B 90 18.40 -18.38 0.93
CA THR B 90 17.38 -19.34 0.58
C THR B 90 16.74 -18.93 -0.73
N ALA B 91 16.73 -19.85 -1.69
CA ALA B 91 16.27 -19.54 -3.04
C ALA B 91 16.22 -20.83 -3.84
N VAL B 92 15.61 -20.76 -5.02
CA VAL B 92 15.70 -21.82 -6.02
C VAL B 92 16.89 -21.49 -6.92
N TYR B 93 17.84 -22.41 -7.00
CA TYR B 93 19.03 -22.23 -7.82
C TYR B 93 18.87 -23.01 -9.13
N TYR B 94 19.16 -22.33 -10.24
CA TYR B 94 19.03 -22.83 -11.60
C TYR B 94 20.40 -22.91 -12.26
N CYS B 95 20.58 -23.95 -13.05
CA CYS B 95 21.76 -24.15 -13.87
C CYS B 95 21.39 -23.81 -15.31
N ALA B 96 22.22 -23.00 -15.96
CA ALA B 96 21.87 -22.52 -17.30
C ALA B 96 23.09 -22.50 -18.21
N ARG B 97 22.84 -22.71 -19.50
CA ARG B 97 23.86 -22.71 -20.53
C ARG B 97 23.79 -21.41 -21.30
N GLU B 98 24.92 -20.73 -21.42
CA GLU B 98 24.99 -19.45 -22.11
C GLU B 98 25.62 -19.64 -23.48
N ASP B 99 24.96 -19.10 -24.50
CA ASP B 99 25.41 -19.18 -25.89
C ASP B 99 25.89 -17.79 -26.27
N VAL B 100 27.16 -17.50 -25.98
CA VAL B 100 27.74 -16.18 -26.25
C VAL B 100 28.18 -16.01 -27.69
N ALA B 101 28.37 -17.11 -28.43
CA ALA B 101 28.85 -16.99 -29.81
C ALA B 101 27.75 -16.70 -30.81
N VAL B 102 26.48 -16.90 -30.45
CA VAL B 102 25.38 -16.72 -31.40
C VAL B 102 24.27 -15.88 -30.78
N TYR B 103 23.67 -16.38 -29.72
CA TYR B 103 22.48 -15.76 -29.15
C TYR B 103 22.82 -14.60 -28.21
N MET B 104 23.98 -14.64 -27.57
CA MET B 104 24.32 -13.71 -26.48
C MET B 104 23.23 -13.75 -25.40
N ALA B 105 22.69 -14.94 -25.16
CA ALA B 105 21.60 -15.13 -24.22
C ALA B 105 21.73 -16.51 -23.60
N ILE B 106 20.69 -16.92 -22.89
CA ILE B 106 20.64 -18.22 -22.22
C ILE B 106 19.64 -19.07 -22.98
N ASP B 107 20.11 -20.14 -23.62
CA ASP B 107 19.25 -20.96 -24.47
C ASP B 107 18.82 -22.26 -23.80
N LEU B 108 19.39 -22.62 -22.66
CA LEU B 108 19.09 -23.88 -22.02
C LEU B 108 19.13 -23.70 -20.51
N TRP B 109 18.11 -24.19 -19.81
CA TRP B 109 18.04 -24.14 -18.37
C TRP B 109 17.84 -25.54 -17.81
N GLY B 110 17.84 -25.64 -16.48
CA GLY B 110 17.41 -26.83 -15.79
C GLY B 110 16.29 -26.48 -14.81
N GLN B 111 15.62 -27.52 -14.33
CA GLN B 111 14.67 -27.32 -13.25
C GLN B 111 15.46 -26.89 -12.02
N GLY B 112 14.87 -26.02 -11.22
CA GLY B 112 15.61 -25.51 -10.09
C GLY B 112 15.69 -26.49 -8.95
N THR B 113 16.59 -26.21 -8.00
CA THR B 113 16.60 -26.91 -6.72
C THR B 113 16.49 -25.88 -5.61
N LEU B 114 15.64 -26.17 -4.62
CA LEU B 114 15.39 -25.22 -3.54
C LEU B 114 16.39 -25.43 -2.41
N VAL B 115 17.16 -24.40 -2.12
CA VAL B 115 18.07 -24.37 -0.98
C VAL B 115 17.43 -23.49 0.09
N THR B 116 17.18 -24.08 1.26
CA THR B 116 16.57 -23.40 2.38
C THR B 116 17.60 -23.27 3.49
N VAL B 117 17.98 -22.04 3.82
CA VAL B 117 18.93 -21.77 4.89
C VAL B 117 18.11 -21.37 6.12
N SER B 118 18.07 -22.27 7.10
CA SER B 118 17.28 -22.04 8.30
C SER B 118 17.87 -22.88 9.44
N SER B 119 17.56 -22.46 10.66
CA SER B 119 17.99 -23.18 11.85
C SER B 119 16.97 -24.22 12.31
N ALA B 120 15.79 -24.26 11.70
CA ALA B 120 14.78 -25.26 12.03
C ALA B 120 15.26 -26.66 11.62
N SER B 121 14.55 -27.67 12.12
CA SER B 121 14.88 -29.05 11.81
C SER B 121 13.89 -29.64 10.82
N THR B 122 14.38 -30.61 10.04
CA THR B 122 13.59 -31.29 9.03
C THR B 122 12.50 -32.15 9.67
N LYS B 123 11.28 -32.07 9.13
CA LYS B 123 10.14 -32.84 9.62
C LYS B 123 9.36 -33.37 8.43
N GLY B 124 8.98 -34.64 8.50
CA GLY B 124 8.15 -35.27 7.50
C GLY B 124 6.68 -34.90 7.61
N PRO B 125 5.95 -35.03 6.51
CA PRO B 125 4.55 -34.63 6.49
C PRO B 125 3.59 -35.72 6.95
N SER B 126 2.45 -35.28 7.47
CA SER B 126 1.31 -36.15 7.72
C SER B 126 0.33 -36.01 6.56
N VAL B 127 -0.11 -37.14 6.02
CA VAL B 127 -0.97 -37.16 4.83
C VAL B 127 -2.31 -37.76 5.23
N PHE B 128 -3.34 -36.91 5.29
CA PHE B 128 -4.68 -37.33 5.64
C PHE B 128 -5.57 -37.34 4.39
N PRO B 129 -6.64 -38.14 4.38
CA PRO B 129 -7.49 -38.21 3.19
C PRO B 129 -8.61 -37.20 3.21
N LEU B 130 -8.81 -36.55 2.06
CA LEU B 130 -10.00 -35.75 1.79
C LEU B 130 -10.92 -36.67 1.00
N ALA B 131 -11.78 -37.40 1.72
CA ALA B 131 -12.53 -38.52 1.17
C ALA B 131 -13.70 -38.03 0.33
N PRO B 132 -13.96 -38.68 -0.81
CA PRO B 132 -15.16 -38.35 -1.59
C PRO B 132 -16.42 -38.80 -0.89
N SER B 133 -17.49 -38.03 -1.09
CA SER B 133 -18.75 -38.28 -0.40
C SER B 133 -19.69 -39.06 -1.33
N SER B 134 -20.97 -39.12 -0.95
CA SER B 134 -21.95 -39.89 -1.70
C SER B 134 -22.23 -39.24 -3.07
N LYS B 135 -23.19 -39.81 -3.80
CA LYS B 135 -23.48 -39.28 -5.12
C LYS B 135 -24.44 -38.09 -4.98
N SER B 136 -24.04 -37.12 -4.16
CA SER B 136 -24.74 -35.84 -4.01
C SER B 136 -23.80 -34.69 -4.38
N THR B 137 -22.84 -34.99 -5.24
CA THR B 137 -21.70 -34.12 -5.54
C THR B 137 -21.89 -33.54 -6.94
N SER B 138 -22.62 -32.42 -7.02
CA SER B 138 -22.79 -31.63 -8.23
C SER B 138 -22.90 -32.48 -9.49
N GLY B 139 -23.70 -33.53 -9.44
CA GLY B 139 -23.95 -34.34 -10.61
C GLY B 139 -23.14 -35.62 -10.63
N GLY B 140 -22.54 -35.91 -11.77
CA GLY B 140 -21.73 -37.08 -11.99
C GLY B 140 -20.26 -36.94 -11.67
N THR B 141 -19.82 -35.76 -11.22
CA THR B 141 -18.42 -35.53 -10.87
C THR B 141 -18.27 -35.52 -9.35
N ALA B 142 -17.14 -36.04 -8.88
CA ALA B 142 -16.81 -36.06 -7.47
C ALA B 142 -15.46 -35.39 -7.21
N ALA B 143 -15.27 -34.93 -5.97
CA ALA B 143 -14.03 -34.31 -5.54
C ALA B 143 -13.38 -35.12 -4.44
N LEU B 144 -12.10 -35.44 -4.61
CA LEU B 144 -11.33 -36.12 -3.57
C LEU B 144 -9.92 -35.54 -3.54
N GLY B 145 -9.19 -35.82 -2.47
CA GLY B 145 -7.85 -35.30 -2.40
C GLY B 145 -7.07 -35.79 -1.19
N CYS B 146 -5.90 -35.19 -1.01
CA CYS B 146 -5.01 -35.48 0.12
C CYS B 146 -4.60 -34.18 0.78
N LEU B 147 -4.65 -34.17 2.12
CA LEU B 147 -4.19 -33.03 2.92
C LEU B 147 -2.80 -33.34 3.46
N VAL B 148 -1.80 -32.61 2.98
CA VAL B 148 -0.41 -32.78 3.41
C VAL B 148 -0.09 -31.69 4.42
N LYS B 149 0.03 -32.06 5.70
CA LYS B 149 0.12 -31.12 6.80
C LYS B 149 1.38 -31.35 7.61
N ASP B 150 1.90 -30.25 8.18
CA ASP B 150 2.97 -30.26 9.18
C ASP B 150 4.25 -30.90 8.64
N TYR B 151 4.87 -30.18 7.69
CA TYR B 151 6.15 -30.59 7.14
C TYR B 151 7.07 -29.38 7.03
N PHE B 152 8.37 -29.66 6.90
CA PHE B 152 9.38 -28.61 6.77
C PHE B 152 10.71 -29.23 6.34
N PRO B 153 11.41 -28.62 5.38
CA PRO B 153 11.01 -27.42 4.66
C PRO B 153 10.34 -27.75 3.33
N GLU B 154 10.14 -26.74 2.50
CA GLU B 154 9.72 -26.97 1.13
C GLU B 154 10.85 -27.66 0.37
N PRO B 155 10.55 -28.40 -0.71
CA PRO B 155 9.23 -28.60 -1.32
C PRO B 155 8.64 -29.96 -1.05
N VAL B 156 7.37 -30.11 -1.41
CA VAL B 156 6.69 -31.39 -1.44
C VAL B 156 6.15 -31.57 -2.86
N THR B 157 6.19 -32.81 -3.34
CA THR B 157 5.68 -33.17 -4.66
C THR B 157 4.56 -34.17 -4.47
N VAL B 158 3.42 -33.89 -5.10
CA VAL B 158 2.27 -34.78 -5.05
C VAL B 158 1.95 -35.21 -6.48
N SER B 159 1.56 -36.48 -6.62
CA SER B 159 1.08 -37.01 -7.89
C SER B 159 0.00 -38.03 -7.57
N TRP B 160 -0.80 -38.37 -8.58
CA TRP B 160 -1.91 -39.29 -8.40
C TRP B 160 -1.74 -40.51 -9.29
N ASN B 161 -1.87 -41.69 -8.69
CA ASN B 161 -1.70 -42.97 -9.39
C ASN B 161 -0.39 -42.99 -10.16
N SER B 162 0.69 -42.61 -9.46
CA SER B 162 2.05 -42.68 -9.98
C SER B 162 2.22 -41.90 -11.28
N GLY B 163 1.43 -40.84 -11.45
CA GLY B 163 1.49 -40.03 -12.66
C GLY B 163 0.47 -40.37 -13.71
N ALA B 164 -0.42 -41.34 -13.46
CA ALA B 164 -1.43 -41.73 -14.45
C ALA B 164 -2.63 -40.80 -14.45
N LEU B 165 -2.91 -40.12 -13.34
CA LEU B 165 -4.02 -39.17 -13.23
C LEU B 165 -3.45 -37.76 -13.19
N THR B 166 -3.72 -36.98 -14.23
CA THR B 166 -3.18 -35.62 -14.30
C THR B 166 -4.23 -34.56 -14.57
N SER B 167 -5.32 -34.93 -15.25
CA SER B 167 -6.33 -33.94 -15.62
C SER B 167 -7.28 -33.65 -14.47
N GLY B 168 -7.56 -32.37 -14.27
CA GLY B 168 -8.42 -31.99 -13.16
C GLY B 168 -7.76 -32.12 -11.80
N VAL B 169 -6.43 -32.11 -11.77
CA VAL B 169 -5.66 -32.22 -10.53
C VAL B 169 -5.16 -30.83 -10.18
N HIS B 170 -5.38 -30.41 -8.94
CA HIS B 170 -4.90 -29.13 -8.45
C HIS B 170 -4.11 -29.36 -7.16
N THR B 171 -2.80 -29.13 -7.21
CA THR B 171 -1.96 -29.15 -6.01
C THR B 171 -1.72 -27.71 -5.59
N PHE B 172 -2.33 -27.32 -4.48
CA PHE B 172 -2.27 -25.92 -4.06
C PHE B 172 -0.89 -25.57 -3.52
N PRO B 173 -0.47 -24.31 -3.65
CA PRO B 173 0.78 -23.89 -3.03
C PRO B 173 0.72 -24.04 -1.52
N ALA B 174 1.91 -24.12 -0.91
CA ALA B 174 2.02 -24.33 0.52
C ALA B 174 1.78 -23.04 1.28
N VAL B 175 1.21 -23.17 2.48
CA VAL B 175 0.93 -22.04 3.35
C VAL B 175 1.70 -22.22 4.64
N LEU B 176 2.44 -21.19 5.05
CA LEU B 176 3.21 -21.22 6.29
C LEU B 176 2.27 -21.00 7.46
N GLN B 177 2.11 -22.03 8.30
CA GLN B 177 1.25 -21.92 9.46
C GLN B 177 1.98 -21.20 10.61
N SER B 178 1.21 -20.85 11.64
CA SER B 178 1.77 -20.18 12.81
C SER B 178 2.87 -21.00 13.45
N SER B 179 2.81 -22.33 13.31
CA SER B 179 3.78 -23.22 13.97
C SER B 179 5.11 -23.29 13.26
N GLY B 180 5.29 -22.55 12.16
CA GLY B 180 6.49 -22.63 11.37
C GLY B 180 6.56 -23.81 10.42
N LEU B 181 5.52 -24.64 10.36
CA LEU B 181 5.45 -25.75 9.43
C LEU B 181 4.51 -25.42 8.27
N TYR B 182 4.75 -26.08 7.14
CA TYR B 182 3.96 -25.86 5.95
C TYR B 182 2.78 -26.83 5.89
N SER B 183 1.85 -26.54 4.97
CA SER B 183 0.67 -27.37 4.79
C SER B 183 0.04 -27.02 3.45
N LEU B 184 -0.46 -28.02 2.74
CA LEU B 184 -1.15 -27.82 1.47
C LEU B 184 -2.13 -28.96 1.25
N SER B 185 -2.83 -28.90 0.12
CA SER B 185 -3.73 -29.95 -0.31
C SER B 185 -3.55 -30.17 -1.80
N SER B 186 -3.94 -31.36 -2.25
CA SER B 186 -3.96 -31.70 -3.66
C SER B 186 -5.27 -32.41 -3.95
N VAL B 187 -6.10 -31.81 -4.80
CA VAL B 187 -7.43 -32.33 -5.09
C VAL B 187 -7.52 -32.71 -6.56
N VAL B 188 -8.38 -33.69 -6.85
CA VAL B 188 -8.64 -34.14 -8.22
C VAL B 188 -10.13 -34.39 -8.35
N THR B 189 -10.69 -34.05 -9.50
CA THR B 189 -12.09 -34.33 -9.82
C THR B 189 -12.18 -35.54 -10.75
N VAL B 190 -13.09 -36.45 -10.43
CA VAL B 190 -13.28 -37.68 -11.20
C VAL B 190 -14.78 -37.91 -11.40
N PRO B 191 -15.13 -38.71 -12.41
CA PRO B 191 -16.53 -39.12 -12.55
C PRO B 191 -16.98 -39.87 -11.30
N SER B 192 -18.21 -39.60 -10.87
CA SER B 192 -18.71 -40.23 -9.66
C SER B 192 -18.86 -41.74 -9.82
N SER B 193 -19.17 -42.21 -11.03
CA SER B 193 -19.31 -43.65 -11.25
C SER B 193 -17.96 -44.37 -11.23
N SER B 194 -16.83 -43.64 -11.18
CA SER B 194 -15.53 -44.28 -11.09
C SER B 194 -15.25 -44.82 -9.69
N LEU B 195 -15.86 -44.22 -8.67
CA LEU B 195 -15.63 -44.65 -7.30
C LEU B 195 -16.13 -46.07 -7.10
N GLY B 196 -15.38 -46.86 -6.33
CA GLY B 196 -15.77 -48.22 -6.08
C GLY B 196 -15.08 -49.23 -6.98
N THR B 197 -14.83 -48.86 -8.24
CA THR B 197 -14.11 -49.71 -9.17
C THR B 197 -12.71 -49.20 -9.47
N GLN B 198 -12.50 -47.90 -9.48
CA GLN B 198 -11.20 -47.29 -9.72
C GLN B 198 -10.59 -46.84 -8.39
N THR B 199 -9.32 -47.15 -8.18
CA THR B 199 -8.61 -46.74 -6.97
C THR B 199 -7.87 -45.42 -7.21
N TYR B 200 -7.78 -44.62 -6.15
CA TYR B 200 -7.13 -43.31 -6.22
C TYR B 200 -6.10 -43.20 -5.10
N ILE B 201 -4.81 -43.15 -5.47
CA ILE B 201 -3.71 -43.05 -4.53
C ILE B 201 -2.92 -41.77 -4.84
N CYS B 202 -2.75 -40.94 -3.82
CA CYS B 202 -1.90 -39.76 -3.95
C CYS B 202 -0.49 -40.12 -3.50
N ASN B 203 0.50 -39.58 -4.21
CA ASN B 203 1.91 -39.92 -4.00
C ASN B 203 2.62 -38.67 -3.50
N VAL B 204 2.81 -38.58 -2.19
CA VAL B 204 3.49 -37.45 -1.57
C VAL B 204 4.97 -37.77 -1.46
N ASN B 205 5.82 -36.87 -1.96
CA ASN B 205 7.27 -37.02 -1.91
C ASN B 205 7.86 -35.80 -1.21
N HIS B 206 8.78 -36.06 -0.27
CA HIS B 206 9.40 -34.99 0.53
C HIS B 206 10.90 -35.28 0.59
N LYS B 207 11.58 -34.99 -0.52
CA LYS B 207 13.01 -35.29 -0.61
C LYS B 207 13.86 -34.69 0.51
N PRO B 208 13.59 -33.48 1.02
CA PRO B 208 14.37 -33.01 2.17
C PRO B 208 14.41 -33.96 3.36
N SER B 209 13.41 -34.81 3.55
CA SER B 209 13.44 -35.81 4.61
C SER B 209 13.49 -37.23 4.07
N ASN B 210 13.66 -37.39 2.76
CA ASN B 210 13.70 -38.71 2.11
C ASN B 210 12.48 -39.53 2.49
N THR B 211 11.32 -38.87 2.53
CA THR B 211 10.05 -39.50 2.88
C THR B 211 9.13 -39.53 1.67
N LYS B 212 8.44 -40.66 1.49
CA LYS B 212 7.50 -40.81 0.39
C LYS B 212 6.26 -41.50 0.94
N VAL B 213 5.09 -40.89 0.74
CA VAL B 213 3.83 -41.38 1.28
C VAL B 213 2.89 -41.71 0.11
N ASP B 214 2.31 -42.90 0.15
CA ASP B 214 1.28 -43.30 -0.80
C ASP B 214 0.01 -43.58 0.00
N LYS B 215 -0.98 -42.71 -0.14
CA LYS B 215 -2.24 -42.82 0.59
C LYS B 215 -3.35 -43.13 -0.41
N LYS B 216 -4.03 -44.26 -0.23
CA LYS B 216 -5.17 -44.61 -1.06
C LYS B 216 -6.40 -43.90 -0.51
N VAL B 217 -6.96 -42.97 -1.27
CA VAL B 217 -8.16 -42.26 -0.85
C VAL B 217 -9.40 -43.10 -1.19
N GLU B 218 -10.18 -43.45 -0.17
CA GLU B 218 -11.36 -44.28 -0.34
C GLU B 218 -12.61 -43.50 0.08
N PRO B 219 -13.75 -43.77 -0.55
CA PRO B 219 -14.99 -43.07 -0.17
C PRO B 219 -15.39 -43.35 1.27
N LYS B 220 -15.94 -42.32 1.90
CA LYS B 220 -16.47 -42.41 3.27
C LYS B 220 -17.98 -42.54 3.17
N SER B 221 -18.53 -43.64 3.73
CA SER B 221 -19.94 -43.95 3.56
C SER B 221 -20.79 -43.16 4.56
N CYS B 222 -22.07 -43.52 4.65
CA CYS B 222 -23.00 -42.92 5.61
C CYS B 222 -23.80 -44.01 6.31
N GLY B 223 -24.00 -43.84 7.61
CA GLY B 223 -24.75 -44.80 8.40
C GLY B 223 -24.43 -44.72 9.89
N ALA C 1 -20.20 -0.20 8.19
CA ALA C 1 -19.90 -1.55 8.64
C ALA C 1 -18.43 -1.88 8.43
N ILE C 2 -17.71 -0.97 7.77
CA ILE C 2 -16.32 -1.18 7.42
C ILE C 2 -15.46 -0.05 7.98
N GLN C 3 -14.26 -0.40 8.45
CA GLN C 3 -13.31 0.55 9.03
C GLN C 3 -11.94 0.31 8.44
N MET C 4 -11.23 1.40 8.15
CA MET C 4 -9.86 1.34 7.65
C MET C 4 -8.91 1.88 8.70
N THR C 5 -8.02 1.02 9.21
CA THR C 5 -7.04 1.43 10.19
C THR C 5 -5.72 1.68 9.48
N GLN C 6 -5.33 2.94 9.39
CA GLN C 6 -4.10 3.32 8.70
C GLN C 6 -3.00 3.54 9.72
N SER C 7 -1.77 3.23 9.32
CA SER C 7 -0.64 3.37 10.21
C SER C 7 0.63 3.60 9.41
N PRO C 8 1.53 4.47 9.90
CA PRO C 8 1.30 5.28 11.09
C PRO C 8 0.62 6.60 10.74
N SER C 9 0.30 7.42 11.74
CA SER C 9 -0.29 8.73 11.47
C SER C 9 0.71 9.67 10.81
N SER C 10 2.00 9.49 11.10
CA SER C 10 3.03 10.37 10.58
C SER C 10 4.37 9.65 10.64
N LEU C 11 5.29 10.12 9.81
CA LEU C 11 6.63 9.54 9.73
C LEU C 11 7.54 10.52 9.02
N SER C 12 8.82 10.51 9.40
CA SER C 12 9.84 11.35 8.80
C SER C 12 10.81 10.50 8.00
N ALA C 13 11.23 11.02 6.84
CA ALA C 13 12.20 10.34 5.99
C ALA C 13 12.95 11.38 5.16
N SER C 14 14.06 10.95 4.59
CA SER C 14 14.89 11.80 3.74
C SER C 14 14.63 11.49 2.26
N VAL C 15 15.12 12.39 1.41
CA VAL C 15 14.96 12.22 -0.03
C VAL C 15 15.74 11.01 -0.49
N GLY C 16 15.03 10.01 -1.00
CA GLY C 16 15.63 8.77 -1.46
C GLY C 16 15.28 7.56 -0.64
N ASP C 17 14.73 7.74 0.56
CA ASP C 17 14.38 6.60 1.40
C ASP C 17 13.16 5.86 0.82
N ARG C 18 12.98 4.64 1.29
CA ARG C 18 11.84 3.82 0.94
C ARG C 18 10.86 3.86 2.10
N VAL C 19 9.63 4.27 1.84
CA VAL C 19 8.64 4.42 2.90
C VAL C 19 7.46 3.49 2.64
N THR C 20 6.84 3.04 3.73
CA THR C 20 5.78 2.05 3.72
C THR C 20 4.65 2.54 4.61
N ILE C 21 3.43 2.55 4.08
CA ILE C 21 2.22 2.89 4.83
C ILE C 21 1.28 1.68 4.76
N THR C 22 0.65 1.37 5.88
CA THR C 22 -0.20 0.18 5.94
C THR C 22 -1.63 0.56 6.28
N CYS C 23 -2.58 -0.20 5.72
CA CYS C 23 -4.00 0.02 5.91
C CYS C 23 -4.65 -1.34 6.14
N GLN C 24 -5.35 -1.51 7.26
CA GLN C 24 -5.98 -2.78 7.61
C GLN C 24 -7.50 -2.64 7.52
N ALA C 25 -8.14 -3.63 6.88
CA ALA C 25 -9.57 -3.63 6.70
C ALA C 25 -10.26 -4.40 7.81
N SER C 26 -11.45 -3.93 8.18
CA SER C 26 -12.22 -4.56 9.26
C SER C 26 -12.68 -5.95 8.84
N GLN C 27 -13.22 -6.07 7.63
CA GLN C 27 -13.62 -7.33 7.02
C GLN C 27 -12.75 -7.59 5.80
N SER C 28 -13.25 -8.37 4.84
CA SER C 28 -12.54 -8.68 3.61
C SER C 28 -13.22 -7.96 2.46
N ILE C 29 -12.48 -7.08 1.78
CA ILE C 29 -13.03 -6.33 0.65
C ILE C 29 -12.59 -6.84 -0.71
N SER C 30 -11.64 -7.76 -0.79
CA SER C 30 -11.20 -8.35 -2.05
C SER C 30 -10.73 -7.35 -3.13
N ASN C 31 -9.59 -6.72 -2.84
CA ASN C 31 -8.92 -5.76 -3.73
C ASN C 31 -9.59 -4.40 -3.88
N GLN C 32 -10.80 -4.19 -3.36
CA GLN C 32 -11.47 -2.89 -3.54
C GLN C 32 -10.92 -1.87 -2.54
N LEU C 33 -9.65 -1.51 -2.75
CA LEU C 33 -8.98 -0.50 -1.94
C LEU C 33 -8.15 0.40 -2.85
N SER C 34 -8.17 1.71 -2.58
CA SER C 34 -7.44 2.68 -3.37
C SER C 34 -6.61 3.59 -2.47
N TRP C 35 -5.49 4.08 -3.00
CA TRP C 35 -4.58 4.98 -2.31
C TRP C 35 -4.56 6.34 -3.00
N TYR C 36 -4.65 7.41 -2.22
CA TYR C 36 -4.71 8.79 -2.69
C TYR C 36 -3.65 9.64 -2.01
N GLN C 37 -3.25 10.71 -2.69
CA GLN C 37 -2.29 11.68 -2.17
C GLN C 37 -2.91 13.07 -2.17
N GLN C 38 -2.73 13.80 -1.07
CA GLN C 38 -3.27 15.15 -0.91
C GLN C 38 -2.20 16.06 -0.32
N LYS C 39 -1.99 17.21 -0.99
CA LYS C 39 -1.11 18.30 -0.58
C LYS C 39 -1.94 19.43 0.02
N PRO C 40 -1.35 20.24 0.91
CA PRO C 40 -2.14 21.26 1.62
C PRO C 40 -2.86 22.20 0.66
N GLY C 41 -4.12 22.48 0.98
CA GLY C 41 -4.96 23.36 0.17
C GLY C 41 -5.46 22.79 -1.13
N LYS C 42 -5.06 21.57 -1.50
CA LYS C 42 -5.44 20.97 -2.77
C LYS C 42 -6.37 19.78 -2.54
N ALA C 43 -7.05 19.38 -3.61
CA ALA C 43 -7.88 18.19 -3.52
C ALA C 43 -7.05 16.93 -3.75
N PRO C 44 -7.46 15.80 -3.17
CA PRO C 44 -6.68 14.57 -3.30
C PRO C 44 -6.61 14.09 -4.75
N LYS C 45 -5.54 13.35 -5.04
CA LYS C 45 -5.29 12.76 -6.35
C LYS C 45 -5.22 11.24 -6.22
N LEU C 46 -5.90 10.53 -7.12
CA LEU C 46 -5.90 9.07 -7.11
C LEU C 46 -4.54 8.53 -7.53
N LEU C 47 -3.89 7.80 -6.63
CA LEU C 47 -2.59 7.18 -6.89
C LEU C 47 -2.69 5.74 -7.37
N ILE C 48 -3.45 4.91 -6.65
CA ILE C 48 -3.50 3.48 -6.91
C ILE C 48 -4.92 2.99 -6.73
N TYR C 49 -5.37 2.11 -7.62
CA TYR C 49 -6.67 1.46 -7.51
C TYR C 49 -6.50 -0.05 -7.56
N ASP C 50 -7.55 -0.76 -7.17
CA ASP C 50 -7.58 -2.23 -7.15
C ASP C 50 -6.37 -2.83 -6.46
N ALA C 51 -6.03 -2.25 -5.30
CA ALA C 51 -4.95 -2.70 -4.42
C ALA C 51 -3.57 -2.49 -5.01
N SER C 52 -3.32 -2.96 -6.24
CA SER C 52 -1.96 -2.99 -6.77
C SER C 52 -1.86 -2.45 -8.19
N SER C 53 -2.85 -1.70 -8.66
CA SER C 53 -2.84 -1.18 -10.03
C SER C 53 -2.48 0.31 -10.01
N LEU C 54 -1.57 0.70 -10.90
CA LEU C 54 -1.13 2.08 -10.99
C LEU C 54 -2.16 2.95 -11.74
N ALA C 55 -2.20 4.22 -11.38
CA ALA C 55 -3.10 5.18 -12.02
C ALA C 55 -2.45 5.74 -13.29
N SER C 56 -3.13 6.70 -13.91
CA SER C 56 -2.67 7.30 -15.16
C SER C 56 -1.75 8.48 -14.85
N GLY C 57 -0.48 8.35 -15.23
CA GLY C 57 0.48 9.43 -15.06
C GLY C 57 1.20 9.46 -13.74
N VAL C 58 1.28 8.34 -13.03
CA VAL C 58 1.95 8.25 -11.74
C VAL C 58 3.24 7.46 -11.92
N PRO C 59 4.38 7.96 -11.43
CA PRO C 59 5.65 7.25 -11.64
C PRO C 59 5.64 5.88 -11.00
N SER C 60 6.52 5.01 -11.49
CA SER C 60 6.52 3.60 -11.09
C SER C 60 6.96 3.40 -9.65
N ARG C 61 7.51 4.43 -8.99
CA ARG C 61 7.98 4.29 -7.62
C ARG C 61 6.87 4.21 -6.60
N PHE C 62 5.60 4.33 -7.02
CA PHE C 62 4.46 4.05 -6.17
C PHE C 62 3.96 2.64 -6.45
N SER C 63 3.86 1.81 -5.40
CA SER C 63 3.41 0.44 -5.57
C SER C 63 2.43 0.08 -4.47
N GLY C 64 1.52 -0.84 -4.79
CA GLY C 64 0.52 -1.30 -3.84
C GLY C 64 0.53 -2.81 -3.75
N SER C 65 0.28 -3.29 -2.54
CA SER C 65 0.33 -4.73 -2.27
C SER C 65 -0.80 -5.13 -1.34
N ARG C 66 -1.29 -6.35 -1.51
CA ARG C 66 -2.36 -6.88 -0.67
C ARG C 66 -1.94 -8.22 -0.08
N SER C 67 -2.30 -8.44 1.18
CA SER C 67 -2.09 -9.70 1.87
C SER C 67 -3.30 -9.89 2.78
N GLY C 68 -4.29 -10.63 2.30
CA GLY C 68 -5.54 -10.81 3.02
C GLY C 68 -6.27 -9.50 3.21
N THR C 69 -6.27 -8.97 4.43
CA THR C 69 -6.90 -7.70 4.73
C THR C 69 -5.90 -6.57 4.94
N LYS C 70 -4.61 -6.84 4.77
CA LYS C 70 -3.55 -5.85 4.96
C LYS C 70 -3.11 -5.30 3.62
N PHE C 71 -3.25 -3.99 3.42
CA PHE C 71 -2.83 -3.33 2.19
C PHE C 71 -1.65 -2.42 2.49
N THR C 72 -0.70 -2.37 1.55
CA THR C 72 0.56 -1.67 1.77
C THR C 72 0.85 -0.78 0.58
N LEU C 73 1.11 0.49 0.87
CA LEU C 73 1.56 1.46 -0.11
C LEU C 73 3.05 1.71 0.09
N THR C 74 3.82 1.55 -0.97
CA THR C 74 5.28 1.68 -0.90
C THR C 74 5.75 2.74 -1.88
N ILE C 75 6.52 3.70 -1.37
CA ILE C 75 7.27 4.63 -2.21
C ILE C 75 8.73 4.20 -2.14
N SER C 76 9.26 3.69 -3.26
CA SER C 76 10.58 3.07 -3.25
C SER C 76 11.69 4.10 -3.12
N SER C 77 11.66 5.14 -3.94
CA SER C 77 12.66 6.20 -3.92
C SER C 77 11.93 7.52 -3.67
N LEU C 78 11.99 8.00 -2.43
CA LEU C 78 11.30 9.22 -2.05
C LEU C 78 11.90 10.42 -2.77
N GLN C 79 11.03 11.26 -3.33
CA GLN C 79 11.39 12.49 -4.03
C GLN C 79 10.93 13.69 -3.23
N PRO C 80 11.55 14.86 -3.45
CA PRO C 80 11.15 16.05 -2.68
C PRO C 80 9.71 16.48 -2.89
N GLU C 81 9.00 15.94 -3.88
CA GLU C 81 7.62 16.33 -4.14
C GLU C 81 6.60 15.34 -3.58
N ASP C 82 7.05 14.27 -2.92
CA ASP C 82 6.14 13.27 -2.39
C ASP C 82 5.77 13.51 -0.93
N PHE C 83 6.39 14.48 -0.27
CA PHE C 83 5.97 14.86 1.07
C PHE C 83 4.56 15.41 1.01
N ALA C 84 3.62 14.68 1.59
CA ALA C 84 2.19 14.98 1.48
C ALA C 84 1.46 14.13 2.51
N THR C 85 0.15 14.06 2.41
CA THR C 85 -0.65 13.18 3.25
C THR C 85 -1.29 12.14 2.35
N TYR C 86 -1.19 10.87 2.75
CA TYR C 86 -1.71 9.77 1.94
C TYR C 86 -2.88 9.12 2.67
N TYR C 87 -3.90 8.74 1.90
CA TYR C 87 -5.12 8.16 2.45
C TYR C 87 -5.44 6.86 1.73
N CYS C 88 -6.05 5.93 2.46
CA CYS C 88 -6.65 4.74 1.86
C CYS C 88 -8.17 4.86 1.89
N LEU C 89 -8.79 4.27 0.87
CA LEU C 89 -10.24 4.25 0.72
C LEU C 89 -10.69 2.82 0.43
N GLY C 90 -11.56 2.29 1.25
CA GLY C 90 -12.05 0.93 1.09
C GLY C 90 -13.54 0.92 0.81
N ILE C 91 -13.92 0.15 -0.21
CA ILE C 91 -15.34 0.02 -0.61
C ILE C 91 -15.74 -1.44 -0.46
N TYR C 92 -16.86 -1.72 0.18
CA TYR C 92 -17.29 -3.11 0.47
C TYR C 92 -18.33 -3.55 -0.55
N GLY C 93 -18.37 -2.90 -1.69
CA GLY C 93 -19.41 -3.21 -2.67
C GLY C 93 -20.44 -2.10 -2.73
N ASP C 94 -20.33 -1.19 -3.71
CA ASP C 94 -21.36 -0.14 -3.94
C ASP C 94 -21.42 0.92 -2.84
N GLY C 95 -21.34 0.54 -1.56
CA GLY C 95 -21.56 1.52 -0.53
C GLY C 95 -22.92 1.40 0.11
N ALA C 96 -22.99 0.63 1.19
CA ALA C 96 -24.20 0.47 1.98
C ALA C 96 -23.78 0.05 3.38
N ASP C 97 -24.58 0.43 4.37
CA ASP C 97 -24.23 0.22 5.78
C ASP C 97 -22.86 0.82 6.09
N ASP C 98 -22.66 2.05 5.62
CA ASP C 98 -21.36 2.74 5.70
C ASP C 98 -20.27 1.87 5.05
N GLY C 99 -20.49 1.53 3.78
CA GLY C 99 -19.57 0.68 3.05
C GLY C 99 -18.37 1.38 2.44
N ILE C 100 -18.38 2.71 2.38
CA ILE C 100 -17.24 3.49 1.93
C ILE C 100 -16.52 4.05 3.16
N ALA C 101 -15.25 3.68 3.34
CA ALA C 101 -14.51 4.06 4.54
C ALA C 101 -13.14 4.59 4.16
N PHE C 102 -12.81 5.78 4.68
CA PHE C 102 -11.49 6.37 4.45
C PHE C 102 -10.56 6.03 5.59
N GLY C 103 -9.26 6.04 5.29
CA GLY C 103 -8.26 5.87 6.31
C GLY C 103 -8.01 7.15 7.08
N GLY C 104 -7.29 7.01 8.19
CA GLY C 104 -6.98 8.16 9.02
C GLY C 104 -6.02 9.14 8.38
N GLY C 105 -5.22 8.68 7.43
CA GLY C 105 -4.24 9.53 6.78
C GLY C 105 -2.86 9.35 7.38
N THR C 106 -1.84 9.56 6.55
CA THR C 106 -0.45 9.49 6.97
C THR C 106 0.28 10.71 6.41
N LYS C 107 0.81 11.55 7.28
CA LYS C 107 1.55 12.73 6.87
C LYS C 107 3.04 12.40 6.82
N VAL C 108 3.67 12.65 5.67
CA VAL C 108 5.05 12.26 5.42
C VAL C 108 5.91 13.51 5.57
N GLU C 109 6.57 13.63 6.73
CA GLU C 109 7.43 14.76 7.07
C GLU C 109 8.82 14.61 6.44
N ILE C 110 9.70 15.58 6.71
CA ILE C 110 11.04 15.61 6.16
C ILE C 110 12.03 15.52 7.32
N LYS C 111 12.99 14.61 7.20
CA LYS C 111 13.96 14.38 8.26
C LYS C 111 15.11 15.37 8.13
N ARG C 112 15.45 16.03 9.23
CA ARG C 112 16.59 16.92 9.28
C ARG C 112 17.19 16.84 10.67
N THR C 113 18.27 17.58 10.88
CA THR C 113 18.93 17.52 12.18
C THR C 113 18.12 18.28 13.23
N VAL C 114 18.32 17.89 14.49
CA VAL C 114 17.66 18.55 15.60
C VAL C 114 18.15 19.99 15.70
N ALA C 115 17.22 20.92 15.88
CA ALA C 115 17.53 22.34 16.00
C ALA C 115 16.76 22.96 17.15
N ALA C 116 17.44 23.78 17.96
CA ALA C 116 16.79 24.44 19.07
C ALA C 116 16.05 25.69 18.57
N PRO C 117 14.92 26.03 19.17
CA PRO C 117 14.17 27.19 18.72
C PRO C 117 14.79 28.49 19.21
N SER C 118 14.57 29.55 18.44
CA SER C 118 14.79 30.89 18.92
C SER C 118 13.48 31.34 19.57
N VAL C 119 13.53 31.71 20.85
CA VAL C 119 12.32 32.00 21.62
C VAL C 119 12.21 33.50 21.81
N PHE C 120 11.09 34.06 21.37
CA PHE C 120 10.75 35.46 21.60
C PHE C 120 9.47 35.57 22.41
N ILE C 121 9.33 36.69 23.12
CA ILE C 121 8.12 36.97 23.88
C ILE C 121 7.67 38.38 23.56
N PHE C 122 6.39 38.53 23.26
CA PHE C 122 5.80 39.81 22.89
C PHE C 122 4.74 40.18 23.93
N PRO C 123 4.91 41.28 24.64
CA PRO C 123 3.85 41.78 25.53
C PRO C 123 2.68 42.30 24.71
N PRO C 124 1.51 42.46 25.33
CA PRO C 124 0.39 43.07 24.60
C PRO C 124 0.62 44.55 24.36
N SER C 125 0.16 45.02 23.21
CA SER C 125 0.30 46.43 22.88
C SER C 125 -0.71 47.27 23.67
N ASP C 126 -0.46 48.57 23.72
CA ASP C 126 -1.42 49.48 24.33
C ASP C 126 -2.69 49.58 23.50
N GLU C 127 -2.56 49.47 22.19
CA GLU C 127 -3.74 49.49 21.32
C GLU C 127 -4.72 48.40 21.70
N GLN C 128 -4.20 47.22 22.08
CA GLN C 128 -5.08 46.14 22.52
C GLN C 128 -5.55 46.33 23.95
N LEU C 129 -4.72 46.95 24.80
CA LEU C 129 -5.15 47.22 26.16
C LEU C 129 -6.30 48.21 26.22
N LYS C 130 -6.43 49.06 25.19
CA LYS C 130 -7.54 50.02 25.15
C LYS C 130 -8.90 49.33 25.12
N SER C 131 -8.97 48.05 24.75
CA SER C 131 -10.22 47.34 24.59
C SER C 131 -10.49 46.35 25.72
N GLY C 132 -9.69 46.36 26.78
CA GLY C 132 -9.97 45.49 27.90
C GLY C 132 -9.57 44.04 27.72
N THR C 133 -8.59 43.77 26.87
CA THR C 133 -8.07 42.41 26.69
C THR C 133 -6.58 42.50 26.36
N ALA C 134 -5.80 41.55 26.89
CA ALA C 134 -4.36 41.52 26.69
C ALA C 134 -3.95 40.14 26.20
N SER C 135 -3.27 40.10 25.04
CA SER C 135 -2.73 38.88 24.47
C SER C 135 -1.21 38.97 24.49
N VAL C 136 -0.58 38.09 25.26
CA VAL C 136 0.88 37.98 25.28
C VAL C 136 1.27 36.75 24.49
N VAL C 137 2.25 36.89 23.59
CA VAL C 137 2.57 35.87 22.61
C VAL C 137 3.98 35.33 22.83
N CYS C 138 4.11 34.01 22.81
CA CYS C 138 5.40 33.32 22.92
C CYS C 138 5.68 32.64 21.58
N LEU C 139 6.77 33.04 20.93
CA LEU C 139 7.13 32.55 19.61
C LEU C 139 8.35 31.63 19.72
N LEU C 140 8.28 30.50 19.03
CA LEU C 140 9.36 29.53 18.91
C LEU C 140 9.67 29.40 17.43
N ASN C 141 10.80 29.93 17.00
CA ASN C 141 11.14 30.03 15.58
C ASN C 141 12.18 28.97 15.22
N ASN C 142 11.93 28.25 14.11
CA ASN C 142 12.92 27.45 13.42
C ASN C 142 13.54 26.41 14.36
N PHE C 143 12.72 25.42 14.72
CA PHE C 143 13.15 24.29 15.53
C PHE C 143 12.75 22.96 14.90
N TYR C 144 13.34 21.88 15.41
CA TYR C 144 13.05 20.50 15.00
C TYR C 144 13.53 19.57 16.10
N PRO C 145 12.78 18.52 16.44
CA PRO C 145 11.52 18.08 15.85
C PRO C 145 10.31 18.87 16.35
N ARG C 146 9.12 18.48 15.88
CA ARG C 146 7.88 19.21 16.15
C ARG C 146 7.50 19.24 17.63
N GLU C 147 7.96 18.28 18.43
CA GLU C 147 7.60 18.24 19.84
C GLU C 147 8.27 19.36 20.63
N ALA C 148 7.48 20.00 21.49
CA ALA C 148 7.96 21.05 22.37
C ALA C 148 6.93 21.33 23.46
N LYS C 149 7.36 21.43 24.71
CA LYS C 149 6.47 21.68 25.84
C LYS C 149 6.53 23.15 26.21
N VAL C 150 5.48 23.91 25.87
CA VAL C 150 5.42 25.35 26.12
C VAL C 150 4.44 25.63 27.25
N GLN C 151 4.95 26.16 28.36
CA GLN C 151 4.14 26.50 29.52
C GLN C 151 4.26 27.99 29.82
N TRP C 152 3.25 28.52 30.50
CA TRP C 152 3.18 29.93 30.84
C TRP C 152 3.23 30.14 32.34
N LYS C 153 3.97 31.17 32.78
CA LYS C 153 4.04 31.55 34.18
C LYS C 153 3.78 33.04 34.31
N VAL C 154 2.96 33.41 35.30
CA VAL C 154 2.71 34.81 35.63
C VAL C 154 3.03 34.97 37.12
N ASP C 155 4.00 35.81 37.43
CA ASP C 155 4.54 35.91 38.78
C ASP C 155 4.89 34.52 39.33
N ASN C 156 5.52 33.72 38.47
CA ASN C 156 5.93 32.34 38.78
C ASN C 156 4.76 31.45 39.18
N ALA C 157 3.56 31.77 38.71
CA ALA C 157 2.38 30.94 38.90
C ALA C 157 2.02 30.33 37.55
N LEU C 158 1.96 29.01 37.49
CA LEU C 158 1.75 28.32 36.22
C LEU C 158 0.31 28.51 35.76
N GLN C 159 0.14 28.62 34.44
CA GLN C 159 -1.16 28.89 33.84
C GLN C 159 -1.69 27.63 33.14
N SER C 160 -3.01 27.47 33.17
CA SER C 160 -3.68 26.37 32.51
C SER C 160 -5.07 26.83 32.08
N GLY C 161 -5.43 26.55 30.84
CA GLY C 161 -6.77 26.93 30.33
C GLY C 161 -6.92 28.38 29.89
N ASN C 162 -5.82 29.08 29.59
CA ASN C 162 -5.93 30.46 29.09
C ASN C 162 -4.91 30.65 27.98
N SER C 163 -4.48 29.55 27.37
CA SER C 163 -3.44 29.62 26.32
C SER C 163 -3.89 28.84 25.10
N GLN C 164 -3.40 29.20 23.92
CA GLN C 164 -3.71 28.39 22.74
C GLN C 164 -2.45 28.34 21.89
N GLU C 165 -2.22 27.20 21.25
CA GLU C 165 -1.01 26.98 20.47
C GLU C 165 -1.34 26.80 19.00
N SER C 166 -0.39 27.16 18.15
CA SER C 166 -0.52 26.98 16.72
C SER C 166 0.85 26.65 16.14
N VAL C 167 0.90 25.66 15.25
CA VAL C 167 2.12 25.18 14.64
C VAL C 167 2.06 25.44 13.14
N THR C 168 3.16 25.92 12.57
CA THR C 168 3.23 26.06 11.13
C THR C 168 3.53 24.72 10.47
N GLU C 169 3.31 24.68 9.16
CA GLU C 169 3.78 23.54 8.38
C GLU C 169 5.29 23.61 8.24
N GLN C 170 5.88 22.49 7.85
CA GLN C 170 7.33 22.39 7.75
C GLN C 170 7.85 23.39 6.71
N ASP C 171 8.81 24.22 7.13
CA ASP C 171 9.32 25.30 6.30
C ASP C 171 9.87 24.78 4.97
N SER C 172 9.63 25.53 3.90
CA SER C 172 10.03 25.12 2.56
C SER C 172 11.52 25.32 2.31
N LYS C 173 12.24 25.94 3.24
CA LYS C 173 13.67 26.18 3.09
C LYS C 173 14.50 25.27 3.98
N ASP C 174 14.38 25.38 5.30
CA ASP C 174 15.19 24.62 6.24
C ASP C 174 14.41 23.49 6.91
N SER C 175 13.25 23.12 6.38
CA SER C 175 12.48 21.97 6.84
C SER C 175 12.20 22.04 8.35
N THR C 176 11.95 23.24 8.84
CA THR C 176 11.83 23.50 10.27
C THR C 176 10.38 23.89 10.61
N TYR C 177 10.13 24.09 11.90
CA TYR C 177 8.80 24.41 12.40
C TYR C 177 8.84 25.70 13.21
N SER C 178 7.66 26.29 13.39
CA SER C 178 7.49 27.46 14.24
C SER C 178 6.20 27.31 15.04
N LEU C 179 6.26 27.68 16.31
CA LEU C 179 5.19 27.47 17.26
C LEU C 179 4.83 28.80 17.89
N SER C 180 3.54 29.04 18.09
CA SER C 180 3.09 30.27 18.75
C SER C 180 2.13 29.89 19.87
N SER C 181 2.34 30.47 21.03
CA SER C 181 1.49 30.27 22.20
C SER C 181 0.92 31.62 22.59
N THR C 182 -0.40 31.75 22.53
CA THR C 182 -1.07 33.01 22.84
C THR C 182 -1.82 32.88 24.16
N LEU C 183 -1.44 33.71 25.13
CA LEU C 183 -2.08 33.76 26.43
C LEU C 183 -2.97 34.99 26.49
N THR C 184 -4.27 34.78 26.69
CA THR C 184 -5.26 35.84 26.70
C THR C 184 -5.76 36.07 28.12
N LEU C 185 -5.87 37.35 28.49
CA LEU C 185 -6.37 37.73 29.80
C LEU C 185 -7.19 39.01 29.65
N SER C 186 -7.94 39.33 30.71
CA SER C 186 -8.60 40.62 30.75
C SER C 186 -7.58 41.69 31.10
N LYS C 187 -7.94 42.95 30.83
CA LYS C 187 -7.03 44.05 31.15
C LYS C 187 -6.76 44.12 32.65
N ALA C 188 -7.79 43.91 33.47
CA ALA C 188 -7.60 43.96 34.91
C ALA C 188 -6.67 42.85 35.40
N ASP C 189 -6.88 41.63 34.93
CA ASP C 189 -6.01 40.52 35.31
C ASP C 189 -4.58 40.77 34.84
N TYR C 190 -4.40 41.49 33.74
CA TYR C 190 -3.05 41.81 33.29
C TYR C 190 -2.41 42.85 34.18
N GLU C 191 -3.18 43.85 34.64
CA GLU C 191 -2.62 44.84 35.55
C GLU C 191 -2.36 44.26 36.93
N LYS C 192 -3.02 43.14 37.28
CA LYS C 192 -2.89 42.55 38.60
C LYS C 192 -1.54 41.86 38.84
N HIS C 193 -0.64 41.83 37.88
CA HIS C 193 0.59 41.05 38.01
C HIS C 193 1.77 41.85 37.45
N LYS C 194 2.95 41.23 37.46
CA LYS C 194 4.18 41.91 37.10
C LYS C 194 5.07 41.13 36.15
N VAL C 195 5.45 39.91 36.52
CA VAL C 195 6.41 39.11 35.75
C VAL C 195 5.66 38.09 34.92
N TYR C 196 5.90 38.11 33.61
CA TYR C 196 5.31 37.16 32.68
C TYR C 196 6.43 36.40 31.99
N ALA C 197 6.20 35.11 31.74
CA ALA C 197 7.26 34.27 31.18
C ALA C 197 6.66 33.06 30.49
N CYS C 198 7.34 32.59 29.45
CA CYS C 198 7.03 31.30 28.87
C CYS C 198 8.28 30.43 28.91
N GLU C 199 8.09 29.19 29.34
CA GLU C 199 9.15 28.21 29.46
C GLU C 199 8.95 27.17 28.37
N VAL C 200 9.97 27.01 27.52
CA VAL C 200 9.98 26.04 26.43
C VAL C 200 10.94 24.92 26.82
N THR C 201 10.42 23.70 26.90
CA THR C 201 11.22 22.53 27.18
C THR C 201 11.27 21.63 25.95
N GLN C 202 12.48 21.23 25.56
CA GLN C 202 12.71 20.40 24.38
C GLN C 202 13.78 19.39 24.77
N GLY C 203 13.35 18.28 25.40
CA GLY C 203 14.26 17.26 25.86
C GLY C 203 14.90 17.54 27.21
N THR C 204 16.23 17.71 27.21
CA THR C 204 16.99 17.99 28.43
C THR C 204 17.20 19.48 28.66
N THR C 205 16.62 20.34 27.83
CA THR C 205 16.79 21.79 27.93
C THR C 205 15.44 22.44 28.20
N SER C 206 15.44 23.51 29.00
CA SER C 206 14.21 24.19 29.37
C SER C 206 14.52 25.68 29.54
N VAL C 207 14.29 26.46 28.48
CA VAL C 207 14.65 27.88 28.44
C VAL C 207 13.42 28.74 28.67
N THR C 208 13.55 29.74 29.55
CA THR C 208 12.44 30.61 29.91
C THR C 208 12.70 32.05 29.48
N LYS C 209 11.76 32.64 28.75
CA LYS C 209 11.84 34.06 28.38
C LYS C 209 10.77 34.84 29.12
N SER C 210 11.14 36.00 29.66
CA SER C 210 10.26 36.75 30.55
C SER C 210 10.29 38.24 30.22
N PHE C 211 9.39 38.97 30.86
CA PHE C 211 9.36 40.42 30.85
C PHE C 211 8.47 40.90 32.00
N ASN C 212 8.73 42.13 32.45
CA ASN C 212 7.88 42.79 33.43
C ASN C 212 7.11 43.91 32.74
N ARG C 213 5.94 44.23 33.29
CA ARG C 213 5.05 45.20 32.62
C ARG C 213 5.70 46.56 32.42
N GLY C 214 5.93 47.28 33.51
CA GLY C 214 6.62 48.58 33.42
C GLY C 214 8.11 48.35 33.28
N GLU C 215 8.59 48.24 32.04
CA GLU C 215 10.01 47.93 31.81
C GLU C 215 10.29 48.10 30.33
N CYS C 216 11.57 48.17 29.96
CA CYS C 216 11.94 48.37 28.54
C CYS C 216 13.46 48.31 28.41
N GLU D 1 -10.29 19.05 -19.10
CA GLU D 1 -11.46 19.10 -19.98
C GLU D 1 -12.64 18.35 -19.38
N VAL D 2 -12.36 17.54 -18.36
CA VAL D 2 -13.38 16.87 -17.56
C VAL D 2 -13.30 17.45 -16.15
N GLN D 3 -14.36 18.13 -15.72
CA GLN D 3 -14.30 18.90 -14.48
C GLN D 3 -15.58 18.76 -13.68
N LEU D 4 -15.43 19.00 -12.37
CA LEU D 4 -16.53 19.11 -11.42
C LEU D 4 -16.41 20.45 -10.72
N VAL D 5 -17.36 21.34 -10.96
CA VAL D 5 -17.33 22.70 -10.42
C VAL D 5 -18.37 22.78 -9.30
N GLU D 6 -17.91 23.09 -8.09
CA GLU D 6 -18.79 23.15 -6.94
C GLU D 6 -19.14 24.59 -6.60
N SER D 7 -20.40 24.81 -6.28
CA SER D 7 -20.92 26.11 -5.88
C SER D 7 -21.82 25.93 -4.67
N GLY D 8 -22.12 27.05 -4.02
CA GLY D 8 -22.84 27.05 -2.77
C GLY D 8 -21.90 26.97 -1.59
N GLY D 9 -22.47 27.21 -0.42
CA GLY D 9 -21.67 27.09 0.78
C GLY D 9 -21.16 28.41 1.32
N GLY D 10 -21.10 28.50 2.65
CA GLY D 10 -20.71 29.72 3.32
C GLY D 10 -21.06 29.66 4.79
N LEU D 11 -21.51 30.77 5.34
CA LEU D 11 -21.89 30.84 6.74
C LEU D 11 -23.35 30.47 6.92
N VAL D 12 -23.62 29.62 7.90
CA VAL D 12 -24.96 29.18 8.27
C VAL D 12 -25.04 29.09 9.78
N GLN D 13 -26.13 29.59 10.35
CA GLN D 13 -26.30 29.48 11.79
C GLN D 13 -26.76 28.06 12.17
N PRO D 14 -26.45 27.61 13.39
CA PRO D 14 -26.85 26.26 13.81
C PRO D 14 -28.35 26.05 13.66
N GLY D 15 -28.72 24.86 13.17
CA GLY D 15 -30.09 24.58 12.81
C GLY D 15 -30.49 25.10 11.45
N GLY D 16 -29.66 25.92 10.80
CA GLY D 16 -29.96 26.43 9.48
C GLY D 16 -29.71 25.41 8.39
N SER D 17 -30.08 25.79 7.18
CA SER D 17 -29.98 24.91 6.03
C SER D 17 -29.05 25.51 5.00
N LEU D 18 -28.57 24.65 4.10
CA LEU D 18 -27.68 25.06 3.04
C LEU D 18 -27.77 24.04 1.91
N ARG D 19 -27.45 24.45 0.69
CA ARG D 19 -27.48 23.54 -0.44
C ARG D 19 -26.23 23.75 -1.27
N LEU D 20 -25.48 22.67 -1.47
CA LEU D 20 -24.30 22.67 -2.33
C LEU D 20 -24.67 22.04 -3.66
N SER D 21 -24.06 22.54 -4.73
CA SER D 21 -24.27 22.02 -6.07
C SER D 21 -22.93 21.73 -6.71
N CYS D 22 -22.94 20.81 -7.67
CA CYS D 22 -21.72 20.33 -8.33
C CYS D 22 -22.06 20.07 -9.80
N ALA D 23 -21.63 20.98 -10.67
CA ALA D 23 -21.87 20.88 -12.11
C ALA D 23 -20.74 20.12 -12.79
N ALA D 24 -21.10 19.15 -13.62
CA ALA D 24 -20.13 18.36 -14.36
C ALA D 24 -19.95 18.90 -15.77
N SER D 25 -18.72 18.78 -16.29
CA SER D 25 -18.42 19.20 -17.65
C SER D 25 -17.52 18.15 -18.28
N GLY D 26 -17.94 17.61 -19.42
CA GLY D 26 -17.17 16.61 -20.13
C GLY D 26 -17.73 15.21 -20.06
N PHE D 27 -18.75 14.97 -19.23
CA PHE D 27 -19.34 13.65 -19.10
C PHE D 27 -20.74 13.79 -18.50
N SER D 28 -21.46 12.68 -18.47
CA SER D 28 -22.83 12.64 -17.97
C SER D 28 -22.83 12.02 -16.57
N LEU D 29 -23.31 12.79 -15.58
CA LEU D 29 -23.40 12.30 -14.22
C LEU D 29 -24.34 11.11 -14.07
N SER D 30 -25.21 10.89 -15.04
CA SER D 30 -26.14 9.76 -14.98
C SER D 30 -25.46 8.41 -15.21
N SER D 31 -24.20 8.40 -15.61
CA SER D 31 -23.49 7.16 -15.94
C SER D 31 -22.48 6.75 -14.88
N TYR D 32 -22.43 7.46 -13.74
CA TYR D 32 -21.47 7.16 -12.69
C TYR D 32 -22.15 7.27 -11.32
N TYR D 33 -21.58 6.55 -10.35
CA TYR D 33 -21.86 6.85 -8.95
C TYR D 33 -21.31 8.23 -8.61
N MET D 34 -22.04 8.99 -7.78
CA MET D 34 -21.55 10.28 -7.34
C MET D 34 -21.54 10.35 -5.83
N THR D 35 -20.63 11.16 -5.28
CA THR D 35 -20.44 11.14 -3.83
C THR D 35 -20.07 12.53 -3.32
N TRP D 36 -20.49 12.81 -2.09
CA TRP D 36 -20.03 13.96 -1.34
C TRP D 36 -19.17 13.47 -0.18
N VAL D 37 -18.00 14.10 -0.02
CA VAL D 37 -17.03 13.75 1.02
C VAL D 37 -16.52 15.02 1.67
N ARG D 38 -16.56 15.08 2.99
CA ARG D 38 -16.14 16.28 3.70
C ARG D 38 -14.80 16.08 4.41
N GLN D 39 -14.20 17.20 4.78
CA GLN D 39 -12.95 17.20 5.53
C GLN D 39 -12.93 18.43 6.42
N ALA D 40 -12.94 18.21 7.73
CA ALA D 40 -12.87 19.32 8.68
C ALA D 40 -11.46 19.90 8.72
N PRO D 41 -11.30 21.13 9.20
CA PRO D 41 -9.96 21.72 9.27
C PRO D 41 -9.02 20.88 10.11
N GLY D 42 -7.86 20.56 9.55
CA GLY D 42 -6.88 19.77 10.27
C GLY D 42 -7.32 18.36 10.59
N LYS D 43 -8.22 17.79 9.79
CA LYS D 43 -8.72 16.44 10.02
C LYS D 43 -8.66 15.65 8.71
N GLY D 44 -9.13 14.41 8.78
CA GLY D 44 -9.08 13.52 7.65
C GLY D 44 -10.29 13.62 6.75
N LEU D 45 -10.30 12.76 5.73
CA LEU D 45 -11.41 12.69 4.80
C LEU D 45 -12.51 11.86 5.43
N GLU D 46 -13.74 12.35 5.33
CA GLU D 46 -14.90 11.69 5.92
C GLU D 46 -15.97 11.53 4.84
N TRP D 47 -16.31 10.29 4.53
CA TRP D 47 -17.36 10.04 3.54
C TRP D 47 -18.68 10.56 4.07
N VAL D 48 -19.42 11.29 3.22
CA VAL D 48 -20.71 11.88 3.61
C VAL D 48 -21.88 11.13 2.98
N SER D 49 -21.92 11.07 1.66
CA SER D 49 -23.10 10.50 1.01
C SER D 49 -22.75 10.02 -0.39
N VAL D 50 -23.55 9.07 -0.90
CA VAL D 50 -23.39 8.54 -2.24
C VAL D 50 -24.76 8.39 -2.91
N ILE D 51 -24.82 8.70 -4.20
CA ILE D 51 -25.99 8.41 -5.02
C ILE D 51 -25.58 7.46 -6.13
N ASN D 52 -26.43 6.46 -6.36
CA ASN D 52 -26.23 5.35 -7.26
C ASN D 52 -26.59 5.75 -8.69
N VAL D 53 -26.33 4.82 -9.62
CA VAL D 53 -26.77 5.04 -11.00
C VAL D 53 -28.27 4.81 -11.13
N TYR D 54 -28.87 4.00 -10.25
CA TYR D 54 -30.31 3.81 -10.26
C TYR D 54 -31.04 4.95 -9.58
N GLY D 55 -30.35 5.73 -8.76
CA GLY D 55 -30.97 6.76 -7.95
C GLY D 55 -31.02 6.43 -6.47
N GLY D 56 -30.50 5.27 -6.07
CA GLY D 56 -30.49 4.93 -4.66
C GLY D 56 -29.48 5.76 -3.89
N THR D 57 -29.91 6.28 -2.75
CA THR D 57 -29.11 7.21 -1.95
C THR D 57 -28.70 6.52 -0.66
N TYR D 58 -27.40 6.47 -0.41
CA TYR D 58 -26.86 5.90 0.82
C TYR D 58 -26.12 6.98 1.60
N TYR D 59 -26.38 7.02 2.91
CA TYR D 59 -25.82 8.04 3.79
C TYR D 59 -25.02 7.40 4.91
N ALA D 60 -24.45 8.25 5.77
CA ALA D 60 -23.68 7.81 6.92
C ALA D 60 -24.52 7.95 8.18
N SER D 61 -24.02 7.36 9.27
CA SER D 61 -24.77 7.32 10.51
C SER D 61 -25.03 8.72 11.06
N TRP D 62 -23.99 9.55 11.13
CA TRP D 62 -24.12 10.90 11.69
C TRP D 62 -24.97 11.82 10.84
N ALA D 63 -25.18 11.51 9.57
CA ALA D 63 -26.03 12.30 8.69
C ALA D 63 -27.11 11.41 8.10
N LYS D 64 -27.97 10.89 8.95
CA LYS D 64 -29.10 10.09 8.51
C LYS D 64 -30.36 10.94 8.60
N GLY D 65 -31.08 11.04 7.49
CA GLY D 65 -32.25 11.88 7.41
C GLY D 65 -31.97 13.36 7.56
N ARG D 66 -30.74 13.74 7.90
CA ARG D 66 -30.37 15.14 8.07
C ARG D 66 -29.94 15.76 6.74
N PHE D 67 -29.19 15.02 5.93
CA PHE D 67 -28.77 15.47 4.61
C PHE D 67 -29.53 14.72 3.53
N THR D 68 -29.50 15.27 2.32
CA THR D 68 -30.18 14.68 1.17
C THR D 68 -29.34 14.88 -0.08
N ILE D 69 -28.98 13.79 -0.73
CA ILE D 69 -28.24 13.86 -1.99
C ILE D 69 -29.22 13.66 -3.14
N SER D 70 -29.00 14.39 -4.23
CA SER D 70 -29.90 14.33 -5.39
C SER D 70 -29.13 14.72 -6.64
N ARG D 71 -29.75 14.50 -7.80
CA ARG D 71 -29.11 14.91 -9.04
C ARG D 71 -30.17 15.27 -10.07
N ASP D 72 -29.91 16.35 -10.81
CA ASP D 72 -30.73 16.77 -11.94
C ASP D 72 -30.01 16.36 -13.21
N ASN D 73 -30.59 15.41 -13.94
CA ASN D 73 -29.95 14.88 -15.14
C ASN D 73 -30.03 15.86 -16.30
N SER D 74 -31.15 16.58 -16.42
CA SER D 74 -31.26 17.60 -17.46
C SER D 74 -30.26 18.72 -17.22
N LYS D 75 -30.24 19.28 -16.01
CA LYS D 75 -29.24 20.28 -15.65
C LYS D 75 -27.85 19.68 -15.45
N ASN D 76 -27.76 18.36 -15.34
CA ASN D 76 -26.50 17.64 -15.14
C ASN D 76 -25.73 18.20 -13.95
N THR D 77 -26.35 18.09 -12.78
CA THR D 77 -25.79 18.66 -11.57
C THR D 77 -26.11 17.78 -10.37
N LEU D 78 -25.13 17.59 -9.49
CA LEU D 78 -25.33 16.91 -8.22
C LEU D 78 -25.63 17.94 -7.14
N TYR D 79 -26.40 17.52 -6.14
CA TYR D 79 -26.83 18.43 -5.09
C TYR D 79 -26.73 17.73 -3.74
N LEU D 80 -26.32 18.50 -2.72
CA LEU D 80 -26.33 18.04 -1.33
C LEU D 80 -27.06 19.11 -0.54
N GLN D 81 -28.25 18.75 -0.04
CA GLN D 81 -29.07 19.63 0.79
C GLN D 81 -28.82 19.24 2.24
N MET D 82 -28.45 20.22 3.06
CA MET D 82 -28.13 20.00 4.45
C MET D 82 -29.09 20.80 5.33
N ASN D 83 -29.78 20.10 6.22
CA ASN D 83 -30.75 20.68 7.12
C ASN D 83 -30.32 20.38 8.55
N SER D 84 -30.76 21.20 9.49
CA SER D 84 -30.41 21.06 10.91
C SER D 84 -28.90 20.88 11.10
N LEU D 85 -28.16 21.89 10.66
CA LEU D 85 -26.70 21.84 10.70
C LEU D 85 -26.19 22.08 12.12
N ARG D 86 -25.13 21.38 12.48
CA ARG D 86 -24.54 21.51 13.80
C ARG D 86 -23.14 22.11 13.69
N ALA D 87 -22.57 22.44 14.86
CA ALA D 87 -21.25 23.06 14.88
C ALA D 87 -20.18 22.13 14.36
N GLU D 88 -20.33 20.82 14.56
CA GLU D 88 -19.36 19.84 14.10
C GLU D 88 -19.48 19.54 12.61
N ASP D 89 -20.34 20.26 11.88
CA ASP D 89 -20.47 20.06 10.43
C ASP D 89 -19.63 21.02 9.61
N THR D 90 -18.98 22.00 10.24
CA THR D 90 -18.13 22.90 9.48
C THR D 90 -16.96 22.13 8.90
N ALA D 91 -16.77 22.25 7.59
CA ALA D 91 -15.78 21.46 6.87
C ALA D 91 -15.70 21.97 5.44
N VAL D 92 -14.71 21.49 4.72
CA VAL D 92 -14.66 21.68 3.27
C VAL D 92 -15.33 20.47 2.64
N TYR D 93 -16.37 20.72 1.83
CA TYR D 93 -17.11 19.65 1.19
C TYR D 93 -16.65 19.51 -0.26
N TYR D 94 -16.40 18.26 -0.66
CA TYR D 94 -15.92 17.89 -1.98
C TYR D 94 -16.97 17.04 -2.68
N CYS D 95 -17.09 17.27 -3.98
CA CYS D 95 -17.91 16.48 -4.87
C CYS D 95 -16.99 15.57 -5.68
N ALA D 96 -17.30 14.29 -5.72
CA ALA D 96 -16.40 13.32 -6.33
C ALA D 96 -17.17 12.32 -7.17
N ARG D 97 -16.51 11.84 -8.22
CA ARG D 97 -17.07 10.83 -9.11
C ARG D 97 -16.43 9.48 -8.82
N GLU D 98 -17.25 8.47 -8.63
CA GLU D 98 -16.78 7.12 -8.34
C GLU D 98 -16.86 6.28 -9.61
N ASP D 99 -15.75 5.62 -9.95
CA ASP D 99 -15.65 4.83 -11.18
C ASP D 99 -15.70 3.36 -10.80
N VAL D 100 -16.92 2.84 -10.68
CA VAL D 100 -17.11 1.42 -10.37
C VAL D 100 -17.01 0.66 -11.68
N ALA D 101 -16.96 -0.68 -11.60
CA ALA D 101 -16.84 -1.59 -12.73
C ALA D 101 -15.45 -1.58 -13.36
N VAL D 102 -14.64 -0.56 -13.08
CA VAL D 102 -13.32 -0.47 -13.67
C VAL D 102 -12.27 -0.18 -12.58
N TYR D 103 -12.35 0.99 -11.97
CA TYR D 103 -11.38 1.41 -10.96
C TYR D 103 -11.76 0.96 -9.56
N MET D 104 -13.05 0.85 -9.25
CA MET D 104 -13.55 0.66 -7.88
C MET D 104 -12.99 1.73 -6.95
N ALA D 105 -12.83 2.95 -7.46
CA ALA D 105 -12.20 4.03 -6.71
C ALA D 105 -12.78 5.35 -7.17
N ILE D 106 -12.14 6.44 -6.76
CA ILE D 106 -12.56 7.80 -7.09
C ILE D 106 -11.51 8.38 -8.03
N ASP D 107 -11.90 8.66 -9.27
CA ASP D 107 -10.99 9.14 -10.29
C ASP D 107 -11.10 10.64 -10.56
N LEU D 108 -12.10 11.32 -10.00
CA LEU D 108 -12.29 12.73 -10.28
C LEU D 108 -12.85 13.46 -9.06
N TRP D 109 -12.25 14.60 -8.74
CA TRP D 109 -12.69 15.46 -7.65
C TRP D 109 -13.00 16.85 -8.17
N GLY D 110 -13.57 17.67 -7.28
CA GLY D 110 -13.71 19.09 -7.52
C GLY D 110 -13.08 19.86 -6.37
N GLN D 111 -12.88 21.15 -6.59
CA GLN D 111 -12.41 22.00 -5.51
C GLN D 111 -13.48 22.07 -4.43
N GLY D 112 -13.04 22.10 -3.18
CA GLY D 112 -13.99 22.08 -2.09
C GLY D 112 -14.66 23.42 -1.87
N THR D 113 -15.76 23.40 -1.11
CA THR D 113 -16.41 24.62 -0.62
C THR D 113 -16.49 24.56 0.90
N LEU D 114 -16.17 25.68 1.55
CA LEU D 114 -16.11 25.74 3.00
C LEU D 114 -17.49 26.07 3.56
N VAL D 115 -18.03 25.16 4.37
CA VAL D 115 -19.26 25.39 5.11
C VAL D 115 -18.91 25.59 6.58
N THR D 116 -19.24 26.77 7.11
CA THR D 116 -18.99 27.13 8.50
C THR D 116 -20.34 27.25 9.20
N VAL D 117 -20.60 26.37 10.15
CA VAL D 117 -21.83 26.41 10.95
C VAL D 117 -21.48 27.00 12.32
N SER D 118 -21.95 28.22 12.56
CA SER D 118 -21.71 28.89 13.84
C SER D 118 -22.77 29.97 14.03
N SER D 119 -23.00 30.35 15.29
CA SER D 119 -23.93 31.42 15.60
C SER D 119 -23.24 32.78 15.69
N ALA D 120 -21.91 32.83 15.54
CA ALA D 120 -21.22 34.10 15.53
C ALA D 120 -21.58 34.89 14.27
N SER D 121 -21.27 36.18 14.29
CA SER D 121 -21.56 37.08 13.20
C SER D 121 -20.28 37.37 12.43
N THR D 122 -20.42 37.69 11.14
CA THR D 122 -19.25 38.02 10.35
C THR D 122 -18.60 39.27 10.91
N LYS D 123 -17.31 39.20 11.16
CA LYS D 123 -16.57 40.30 11.77
C LYS D 123 -15.19 40.40 11.14
N GLY D 124 -14.79 41.64 10.85
CA GLY D 124 -13.44 41.90 10.42
C GLY D 124 -12.52 41.82 11.61
N PRO D 125 -11.24 41.56 11.36
CA PRO D 125 -10.29 41.36 12.45
C PRO D 125 -9.72 42.68 12.96
N SER D 126 -9.29 42.65 14.22
CA SER D 126 -8.49 43.73 14.78
C SER D 126 -7.02 43.32 14.67
N VAL D 127 -6.18 44.23 14.18
CA VAL D 127 -4.79 43.92 13.89
C VAL D 127 -3.89 44.74 14.81
N PHE D 128 -3.26 44.07 15.81
CA PHE D 128 -2.36 44.73 16.75
C PHE D 128 -0.90 44.43 16.41
N PRO D 129 0.04 45.28 16.78
CA PRO D 129 1.44 45.01 16.46
C PRO D 129 2.17 44.23 17.54
N LEU D 130 2.94 43.23 17.11
CA LEU D 130 3.93 42.56 17.96
C LEU D 130 5.25 43.24 17.63
N ALA D 131 5.54 44.32 18.36
CA ALA D 131 6.58 45.24 17.98
C ALA D 131 7.95 44.65 18.27
N PRO D 132 8.94 44.88 17.41
CA PRO D 132 10.29 44.39 17.69
C PRO D 132 10.88 45.08 18.90
N SER D 133 11.58 44.31 19.71
CA SER D 133 12.12 44.80 20.96
C SER D 133 13.62 45.06 20.80
N SER D 134 14.30 45.29 21.92
CA SER D 134 15.72 45.60 21.90
C SER D 134 16.45 44.65 22.84
N LYS D 135 16.38 44.94 24.13
CA LYS D 135 17.07 44.15 25.15
C LYS D 135 16.24 43.00 25.69
N GLY D 139 19.96 38.98 19.45
CA GLY D 139 21.14 38.78 18.62
C GLY D 139 21.25 39.79 17.50
N GLY D 140 21.60 39.33 16.30
CA GLY D 140 21.66 40.24 15.18
C GLY D 140 20.39 40.34 14.38
N THR D 141 19.43 39.46 14.64
CA THR D 141 18.11 39.49 14.01
C THR D 141 17.05 39.87 15.04
N ALA D 142 15.99 40.52 14.57
CA ALA D 142 14.87 40.87 15.42
C ALA D 142 13.60 40.23 14.88
N ALA D 143 12.64 40.00 15.78
CA ALA D 143 11.37 39.36 15.43
C ALA D 143 10.24 40.35 15.66
N LEU D 144 9.40 40.52 14.63
CA LEU D 144 8.24 41.40 14.73
C LEU D 144 7.07 40.74 14.03
N GLY D 145 5.87 41.26 14.28
CA GLY D 145 4.74 40.63 13.63
C GLY D 145 3.44 41.37 13.86
N CYS D 146 2.36 40.70 13.46
CA CYS D 146 1.01 41.21 13.59
C CYS D 146 0.16 40.15 14.28
N LEU D 147 -0.63 40.60 15.25
CA LEU D 147 -1.62 39.76 15.90
C LEU D 147 -2.97 40.09 15.27
N VAL D 148 -3.51 39.14 14.51
CA VAL D 148 -4.79 39.29 13.84
C VAL D 148 -5.83 38.56 14.68
N LYS D 149 -6.68 39.31 15.39
CA LYS D 149 -7.53 38.73 16.42
C LYS D 149 -9.01 39.02 16.16
N ASP D 150 -9.85 38.09 16.57
CA ASP D 150 -11.30 38.25 16.64
C ASP D 150 -11.88 38.58 15.25
N TYR D 151 -11.86 37.56 14.40
CA TYR D 151 -12.44 37.64 13.07
C TYR D 151 -13.28 36.40 12.81
N PHE D 152 -14.18 36.52 11.83
CA PHE D 152 -15.08 35.42 11.50
C PHE D 152 -15.81 35.69 10.18
N PRO D 153 -15.90 34.69 9.29
CA PRO D 153 -15.29 33.37 9.43
C PRO D 153 -13.93 33.28 8.74
N GLU D 154 -13.40 32.06 8.61
CA GLU D 154 -12.23 31.83 7.78
C GLU D 154 -12.58 32.05 6.30
N PRO D 155 -11.57 32.37 5.47
CA PRO D 155 -10.14 32.51 5.73
C PRO D 155 -9.62 33.94 5.75
N VAL D 156 -8.37 34.12 6.19
CA VAL D 156 -7.65 35.39 6.11
C VAL D 156 -6.35 35.17 5.35
N THR D 157 -5.94 36.19 4.62
CA THR D 157 -4.69 36.19 3.88
C THR D 157 -3.81 37.29 4.48
N VAL D 158 -2.58 36.92 4.82
CA VAL D 158 -1.62 37.87 5.36
C VAL D 158 -0.42 37.94 4.43
N SER D 159 0.10 39.15 4.24
CA SER D 159 1.34 39.35 3.51
C SER D 159 2.04 40.55 4.13
N TRP D 160 3.34 40.65 3.86
CA TRP D 160 4.18 41.70 4.41
C TRP D 160 4.74 42.54 3.28
N ASN D 161 4.58 43.86 3.38
CA ASN D 161 5.03 44.81 2.35
C ASN D 161 4.51 44.42 0.96
N SER D 162 3.21 44.14 0.89
CA SER D 162 2.52 43.88 -0.39
C SER D 162 3.15 42.74 -1.17
N GLY D 163 3.79 41.80 -0.49
CA GLY D 163 4.45 40.69 -1.13
C GLY D 163 5.94 40.87 -1.34
N ALA D 164 6.51 42.00 -0.93
CA ALA D 164 7.95 42.23 -1.12
C ALA D 164 8.78 41.53 -0.07
N LEU D 165 8.21 41.26 1.11
CA LEU D 165 8.90 40.58 2.19
C LEU D 165 8.33 39.17 2.29
N THR D 166 9.15 38.18 1.99
CA THR D 166 8.71 36.79 2.00
C THR D 166 9.64 35.91 2.83
N SER D 167 10.90 36.33 2.98
CA SER D 167 11.88 35.51 3.69
C SER D 167 11.72 35.68 5.20
N GLY D 168 11.75 34.56 5.91
CA GLY D 168 11.58 34.59 7.35
C GLY D 168 10.18 34.90 7.81
N VAL D 169 9.18 34.70 6.96
CA VAL D 169 7.79 35.02 7.27
C VAL D 169 7.05 33.73 7.63
N HIS D 170 6.39 33.74 8.79
CA HIS D 170 5.60 32.61 9.25
C HIS D 170 4.21 33.11 9.64
N THR D 171 3.20 32.70 8.87
CA THR D 171 1.81 33.00 9.18
C THR D 171 1.18 31.76 9.81
N PHE D 172 0.90 31.85 11.11
CA PHE D 172 0.41 30.68 11.82
C PHE D 172 -1.01 30.35 11.40
N PRO D 173 -1.40 29.07 11.45
CA PRO D 173 -2.79 28.71 11.19
C PRO D 173 -3.71 29.36 12.21
N ALA D 174 -4.98 29.48 11.81
CA ALA D 174 -5.98 30.11 12.65
C ALA D 174 -6.46 29.14 13.73
N VAL D 175 -6.79 29.69 14.89
CA VAL D 175 -7.26 28.92 16.03
C VAL D 175 -8.62 29.45 16.44
N LEU D 176 -9.57 28.54 16.63
CA LEU D 176 -10.91 28.93 17.05
C LEU D 176 -10.90 29.26 18.54
N GLN D 177 -11.16 30.52 18.88
CA GLN D 177 -11.18 30.91 20.27
C GLN D 177 -12.50 30.51 20.92
N SER D 178 -12.52 30.55 22.25
CA SER D 178 -13.72 30.18 23.00
C SER D 178 -14.92 31.01 22.58
N SER D 179 -14.69 32.24 22.09
CA SER D 179 -15.78 33.14 21.73
C SER D 179 -16.40 32.83 20.37
N GLY D 180 -15.95 31.78 19.69
CA GLY D 180 -16.43 31.52 18.35
C GLY D 180 -15.78 32.37 17.27
N LEU D 181 -14.83 33.23 17.63
CA LEU D 181 -14.08 34.05 16.69
C LEU D 181 -12.68 33.47 16.53
N TYR D 182 -12.07 33.76 15.38
CA TYR D 182 -10.74 33.24 15.08
C TYR D 182 -9.66 34.22 15.50
N SER D 183 -8.42 33.76 15.47
CA SER D 183 -7.28 34.57 15.85
C SER D 183 -6.01 33.87 15.40
N LEU D 184 -5.05 34.65 14.89
CA LEU D 184 -3.75 34.11 14.50
C LEU D 184 -2.69 35.21 14.57
N SER D 185 -1.46 34.85 14.22
CA SER D 185 -0.35 35.78 14.16
C SER D 185 0.44 35.54 12.88
N SER D 186 1.16 36.57 12.45
CA SER D 186 2.07 36.48 11.32
C SER D 186 3.36 37.17 11.72
N VAL D 187 4.46 36.43 11.81
CA VAL D 187 5.71 36.97 12.33
C VAL D 187 6.79 36.91 11.26
N VAL D 188 7.73 37.85 11.36
CA VAL D 188 8.86 37.93 10.44
C VAL D 188 10.13 38.23 11.24
N THR D 189 11.23 37.63 10.82
CA THR D 189 12.55 37.93 11.35
C THR D 189 13.27 38.82 10.37
N VAL D 190 13.88 39.89 10.87
CA VAL D 190 14.54 40.90 10.04
C VAL D 190 15.88 41.25 10.66
N PRO D 191 16.79 41.82 9.87
CA PRO D 191 18.04 42.34 10.43
C PRO D 191 17.77 43.42 11.47
N SER D 192 18.56 43.39 12.55
CA SER D 192 18.35 44.36 13.63
C SER D 192 18.60 45.79 13.16
N SER D 193 19.51 46.00 12.22
CA SER D 193 19.78 47.34 11.69
C SER D 193 18.71 47.84 10.74
N SER D 194 17.74 46.99 10.36
CA SER D 194 16.66 47.42 9.48
C SER D 194 15.63 48.30 10.19
N LEU D 195 15.51 48.18 11.51
CA LEU D 195 14.54 48.96 12.25
C LEU D 195 14.90 50.45 12.24
N GLY D 196 13.89 51.30 12.11
CA GLY D 196 14.09 52.73 12.09
C GLY D 196 14.14 53.36 10.71
N THR D 197 14.73 52.64 9.74
CA THR D 197 14.77 53.10 8.36
C THR D 197 13.85 52.32 7.44
N GLN D 198 13.65 51.03 7.68
CA GLN D 198 12.80 50.20 6.86
C GLN D 198 11.44 50.03 7.53
N THR D 199 10.38 50.25 6.77
CA THR D 199 9.03 50.11 7.30
C THR D 199 8.50 48.71 7.04
N TYR D 200 7.72 48.21 7.99
CA TYR D 200 7.18 46.86 7.93
C TYR D 200 5.67 46.94 8.12
N ILE D 201 4.93 46.60 7.08
CA ILE D 201 3.47 46.62 7.08
C ILE D 201 2.98 45.22 6.76
N CYS D 202 2.11 44.69 7.59
CA CYS D 202 1.40 43.44 7.29
C CYS D 202 0.08 43.78 6.61
N ASN D 203 -0.30 42.96 5.63
CA ASN D 203 -1.47 43.22 4.79
C ASN D 203 -2.49 42.11 5.04
N VAL D 204 -3.44 42.37 5.91
CA VAL D 204 -4.47 41.38 6.26
C VAL D 204 -5.67 41.57 5.34
N ASN D 205 -6.10 40.48 4.72
CA ASN D 205 -7.25 40.48 3.82
C ASN D 205 -8.28 39.49 4.33
N HIS D 206 -9.55 39.92 4.40
CA HIS D 206 -10.64 39.11 4.95
C HIS D 206 -11.86 39.27 4.03
N LYS D 207 -11.81 38.61 2.88
CA LYS D 207 -12.87 38.73 1.88
C LYS D 207 -14.27 38.43 2.42
N PRO D 208 -14.48 37.49 3.36
CA PRO D 208 -15.83 37.32 3.92
C PRO D 208 -16.46 38.60 4.47
N SER D 209 -15.68 39.58 4.92
CA SER D 209 -16.25 40.84 5.38
C SER D 209 -15.84 42.02 4.51
N ASN D 210 -15.18 41.76 3.38
CA ASN D 210 -14.72 42.80 2.47
C ASN D 210 -13.91 43.86 3.22
N THR D 211 -13.06 43.39 4.14
CA THR D 211 -12.23 44.25 4.97
C THR D 211 -10.75 44.00 4.66
N LYS D 212 -9.97 45.07 4.65
CA LYS D 212 -8.53 44.98 4.42
C LYS D 212 -7.82 45.93 5.38
N VAL D 213 -6.90 45.40 6.18
CA VAL D 213 -6.19 46.18 7.20
C VAL D 213 -4.71 46.19 6.87
N ASP D 214 -4.11 47.38 6.91
CA ASP D 214 -2.67 47.53 6.75
C ASP D 214 -2.12 48.17 8.01
N LYS D 215 -1.40 47.39 8.80
CA LYS D 215 -0.82 47.86 10.06
C LYS D 215 0.68 47.95 9.91
N LYS D 216 1.21 49.15 10.10
CA LYS D 216 2.65 49.37 10.09
C LYS D 216 3.19 48.99 11.47
N VAL D 217 4.00 47.94 11.53
CA VAL D 217 4.64 47.56 12.78
C VAL D 217 5.90 48.41 12.92
N GLU D 218 5.99 49.15 14.02
CA GLU D 218 7.09 50.06 14.24
C GLU D 218 7.93 49.63 15.43
N PRO D 219 9.23 49.98 15.47
CA PRO D 219 10.07 49.54 16.54
C PRO D 219 9.64 50.22 17.82
N LYS D 220 9.47 49.47 18.89
CA LYS D 220 9.23 50.16 20.16
C LYS D 220 10.56 50.81 20.49
N SER D 221 10.56 51.87 21.28
CA SER D 221 11.84 52.49 21.71
C SER D 221 11.42 53.02 23.08
N CYS D 222 11.77 52.31 24.16
CA CYS D 222 11.55 52.78 25.55
C CYS D 222 10.16 52.76 26.20
N GLY D 223 9.33 51.79 25.83
CA GLY D 223 8.01 51.64 26.45
C GLY D 223 7.13 51.12 25.33
#